data_4UUV
#
_entry.id   4UUV
#
_cell.length_a   176.651
_cell.length_b   46.133
_cell.length_c   171.150
_cell.angle_alpha   90.00
_cell.angle_beta   96.69
_cell.angle_gamma   90.00
#
_symmetry.space_group_name_H-M   'C 1 2 1'
#
loop_
_entity.id
_entity.type
_entity.pdbx_description
1 polymer 'ETS TRANSLOCATION VARIANT 4'
2 polymer "5'-D(*AP*CP*CP*GP*GP*AP*AP*GP*TP*GP)-3'"
3 polymer "5'-D(*AP*CP*TP*TP*CP*CP*GP*GP*TP*CP)-3'"
4 polymer "5'-D(*AP*CP*TP*TP*CP*CP*GP*GP*TP*CP)-3'"
#
loop_
_entity_poly.entity_id
_entity_poly.type
_entity_poly.pdbx_seq_one_letter_code
_entity_poly.pdbx_strand_id
1 'polypeptide(L)'
;SMRGALQLWQFLVALLDDPTNAHFIAWTGRGMEFKLIEPEEVARLWGIQKNRPAMNYDKLSRSLRYYYEKGIMQKVAGER
YVYKFVCEPDALFSMAFPDN
;
A,D,G,J,M,P,S,V
2 'polydeoxyribonucleotide' (DA)(DC)(DC)(DG)(DG)(DA)(DA)(DG)(DT)(DG) B,E,H,K,N,Q,T,W
3 'polydeoxyribonucleotide' (DA)(DC)(DT)(DT)(DC)(DC)(DG)(DG)(DT)(DC) C,F,I,L,O,R,U
4 'polydeoxyribonucleotide' (DA)(DC)(DT)(DT)(DC)(DC)(DG)(DG)(DT)(DG) X
#
# COMPACT_ATOMS: atom_id res chain seq x y z
N GLY A 4 -12.32 -19.54 11.26
CA GLY A 4 -11.25 -18.56 11.24
C GLY A 4 -9.93 -19.12 11.72
N ALA A 5 -9.74 -20.43 11.55
CA ALA A 5 -8.51 -21.10 11.94
C ALA A 5 -8.33 -22.39 11.15
N LEU A 6 -7.77 -22.27 9.94
CA LEU A 6 -7.64 -23.40 9.04
C LEU A 6 -6.21 -23.60 8.55
N GLN A 7 -5.88 -24.82 8.17
CA GLN A 7 -4.61 -25.10 7.50
C GLN A 7 -4.74 -24.69 6.03
N LEU A 8 -3.67 -24.91 5.26
CA LEU A 8 -3.69 -24.52 3.86
C LEU A 8 -4.65 -25.39 3.03
N TRP A 9 -4.56 -26.69 3.19
CA TRP A 9 -5.36 -27.61 2.38
C TRP A 9 -6.86 -27.48 2.71
N GLN A 10 -7.17 -27.17 3.96
CA GLN A 10 -8.56 -26.95 4.36
C GLN A 10 -9.10 -25.66 3.74
N PHE A 11 -8.24 -24.66 3.67
CA PHE A 11 -8.58 -23.37 3.08
C PHE A 11 -8.90 -23.51 1.60
N LEU A 12 -8.08 -24.29 0.89
CA LEU A 12 -8.27 -24.53 -0.53
C LEU A 12 -9.56 -25.30 -0.80
N VAL A 13 -9.80 -26.35 -0.01
CA VAL A 13 -10.99 -27.17 -0.14
C VAL A 13 -12.25 -26.34 0.04
N ALA A 14 -12.21 -25.42 1.01
CA ALA A 14 -13.32 -24.51 1.28
C ALA A 14 -13.64 -23.66 0.05
N LEU A 15 -12.60 -23.16 -0.61
CA LEU A 15 -12.77 -22.36 -1.82
C LEU A 15 -13.26 -23.21 -2.99
N LEU A 16 -12.84 -24.47 -3.01
CA LEU A 16 -13.17 -25.38 -4.09
C LEU A 16 -14.62 -25.85 -4.02
N ASP A 17 -15.22 -25.72 -2.85
CA ASP A 17 -16.61 -26.14 -2.66
C ASP A 17 -17.58 -25.08 -3.16
N ASP A 18 -17.17 -23.82 -3.07
CA ASP A 18 -18.02 -22.70 -3.48
C ASP A 18 -17.89 -22.43 -4.98
N PRO A 19 -19.00 -22.60 -5.72
CA PRO A 19 -19.03 -22.43 -7.17
C PRO A 19 -18.79 -20.99 -7.63
N THR A 20 -18.95 -20.03 -6.73
CA THR A 20 -18.76 -18.62 -7.07
C THR A 20 -17.29 -18.25 -7.16
N ASN A 21 -16.42 -19.24 -6.94
CA ASN A 21 -14.98 -19.03 -7.01
C ASN A 21 -14.36 -19.71 -8.22
N ALA A 22 -15.22 -20.21 -9.12
CA ALA A 22 -14.79 -21.05 -10.22
C ALA A 22 -13.96 -20.33 -11.27
N HIS A 23 -13.85 -19.00 -11.16
CA HIS A 23 -13.11 -18.24 -12.15
C HIS A 23 -11.66 -18.00 -11.72
N PHE A 24 -11.31 -18.44 -10.51
CA PHE A 24 -9.93 -18.34 -10.06
C PHE A 24 -9.46 -19.62 -9.35
N ILE A 25 -10.37 -20.56 -9.14
CA ILE A 25 -10.01 -21.87 -8.59
C ILE A 25 -11.17 -22.85 -8.72
N ALA A 26 -10.88 -24.09 -9.13
CA ALA A 26 -11.90 -25.11 -9.32
C ALA A 26 -11.32 -26.51 -9.48
N TRP A 27 -12.14 -27.53 -9.23
CA TRP A 27 -11.77 -28.91 -9.49
C TRP A 27 -11.76 -29.15 -11.00
N THR A 28 -11.01 -30.16 -11.44
CA THR A 28 -10.92 -30.46 -12.87
C THR A 28 -11.89 -31.58 -13.27
N GLY A 29 -12.40 -32.30 -12.28
CA GLY A 29 -13.31 -33.41 -12.53
C GLY A 29 -12.57 -34.70 -12.81
N ARG A 30 -11.25 -34.63 -12.77
CA ARG A 30 -10.40 -35.79 -13.00
C ARG A 30 -9.71 -36.20 -11.71
N GLY A 31 -10.42 -36.98 -10.89
CA GLY A 31 -9.90 -37.40 -9.59
C GLY A 31 -9.98 -36.26 -8.59
N MET A 32 -9.05 -36.24 -7.64
CA MET A 32 -8.97 -35.16 -6.67
C MET A 32 -7.99 -34.09 -7.16
N GLU A 33 -8.06 -33.80 -8.45
CA GLU A 33 -7.15 -32.88 -9.10
C GLU A 33 -7.82 -31.51 -9.29
N PHE A 34 -7.10 -30.45 -8.93
CA PHE A 34 -7.64 -29.10 -9.00
C PHE A 34 -6.66 -28.15 -9.67
N LYS A 35 -7.14 -26.95 -10.01
CA LYS A 35 -6.30 -25.95 -10.68
C LYS A 35 -6.48 -24.57 -10.08
N LEU A 36 -5.37 -23.91 -9.79
CA LEU A 36 -5.39 -22.53 -9.34
C LEU A 36 -5.41 -21.61 -10.56
N ILE A 37 -6.60 -21.47 -11.15
CA ILE A 37 -6.78 -20.72 -12.39
C ILE A 37 -6.20 -19.31 -12.32
N GLU A 38 -6.42 -18.64 -11.20
CA GLU A 38 -5.80 -17.34 -10.94
C GLU A 38 -5.09 -17.38 -9.59
N PRO A 39 -3.82 -17.80 -9.59
CA PRO A 39 -3.00 -18.05 -8.39
C PRO A 39 -2.93 -16.86 -7.42
N GLU A 40 -2.67 -15.67 -7.95
CA GLU A 40 -2.47 -14.50 -7.09
C GLU A 40 -3.75 -14.11 -6.34
N GLU A 41 -4.90 -14.40 -6.94
CA GLU A 41 -6.17 -14.15 -6.27
C GLU A 41 -6.31 -15.08 -5.07
N VAL A 42 -5.94 -16.35 -5.27
CA VAL A 42 -5.94 -17.34 -4.20
C VAL A 42 -4.96 -16.92 -3.11
N ALA A 43 -3.81 -16.41 -3.53
CA ALA A 43 -2.77 -15.97 -2.61
C ALA A 43 -3.24 -14.77 -1.78
N ARG A 44 -4.00 -13.88 -2.42
CA ARG A 44 -4.52 -12.70 -1.74
C ARG A 44 -5.49 -13.11 -0.64
N LEU A 45 -6.36 -14.06 -0.94
CA LEU A 45 -7.35 -14.55 0.01
C LEU A 45 -6.67 -15.26 1.17
N TRP A 46 -5.66 -16.07 0.86
CA TRP A 46 -4.89 -16.78 1.88
C TRP A 46 -4.10 -15.79 2.73
N GLY A 47 -3.74 -14.66 2.13
CA GLY A 47 -3.05 -13.61 2.84
C GLY A 47 -3.95 -12.96 3.88
N ILE A 48 -5.22 -12.80 3.53
CA ILE A 48 -6.20 -12.22 4.45
C ILE A 48 -6.47 -13.18 5.60
N GLN A 49 -6.53 -14.47 5.28
CA GLN A 49 -6.76 -15.51 6.28
C GLN A 49 -5.68 -15.52 7.36
N LYS A 50 -4.44 -15.28 6.95
CA LYS A 50 -3.31 -15.34 7.87
C LYS A 50 -2.78 -13.95 8.22
N ASN A 51 -3.53 -12.92 7.85
CA ASN A 51 -3.14 -11.52 8.09
C ASN A 51 -1.74 -11.19 7.60
N ARG A 52 -1.40 -11.71 6.41
CA ARG A 52 -0.13 -11.41 5.76
C ARG A 52 -0.40 -10.87 4.36
N PRO A 53 -0.49 -9.54 4.22
CA PRO A 53 -0.88 -8.89 2.96
C PRO A 53 0.15 -9.01 1.85
N ALA A 54 1.36 -9.48 2.17
CA ALA A 54 2.41 -9.62 1.18
C ALA A 54 2.41 -11.02 0.56
N MET A 55 1.43 -11.83 0.94
CA MET A 55 1.34 -13.20 0.46
C MET A 55 1.10 -13.27 -1.05
N ASN A 56 1.99 -13.96 -1.75
CA ASN A 56 1.85 -14.17 -3.19
C ASN A 56 1.92 -15.65 -3.54
N TYR A 57 1.73 -15.97 -4.82
CA TYR A 57 1.70 -17.37 -5.25
C TYR A 57 3.06 -18.05 -5.08
N ASP A 58 4.13 -17.26 -5.14
CA ASP A 58 5.46 -17.81 -4.93
C ASP A 58 5.58 -18.44 -3.54
N LYS A 59 5.18 -17.69 -2.52
CA LYS A 59 5.28 -18.17 -1.14
C LYS A 59 4.20 -19.20 -0.81
N LEU A 60 3.06 -19.11 -1.49
CA LEU A 60 1.98 -20.07 -1.26
C LEU A 60 2.33 -21.43 -1.86
N SER A 61 2.96 -21.41 -3.02
CA SER A 61 3.34 -22.65 -3.69
C SER A 61 4.42 -23.40 -2.92
N ARG A 62 5.19 -22.67 -2.12
CA ARG A 62 6.22 -23.27 -1.27
C ARG A 62 5.60 -24.17 -0.22
N SER A 63 4.47 -23.75 0.33
CA SER A 63 3.73 -24.56 1.30
C SER A 63 3.07 -25.74 0.61
N LEU A 64 2.69 -25.55 -0.65
CA LEU A 64 2.17 -26.63 -1.46
C LEU A 64 3.28 -27.66 -1.73
N ARG A 65 4.48 -27.16 -1.94
CA ARG A 65 5.63 -28.02 -2.15
C ARG A 65 6.04 -28.69 -0.84
N TYR A 66 5.71 -28.05 0.27
CA TYR A 66 5.90 -28.64 1.59
C TYR A 66 4.93 -29.80 1.77
N TYR A 67 3.77 -29.70 1.14
CA TYR A 67 2.76 -30.75 1.20
C TYR A 67 3.20 -32.00 0.45
N TYR A 68 4.15 -31.84 -0.47
CA TYR A 68 4.71 -32.99 -1.19
C TYR A 68 5.39 -33.94 -0.21
N GLU A 69 6.20 -33.37 0.68
CA GLU A 69 6.95 -34.16 1.64
C GLU A 69 6.05 -34.71 2.74
N LYS A 70 4.87 -34.12 2.89
CA LYS A 70 3.87 -34.62 3.83
C LYS A 70 3.04 -35.71 3.15
N GLY A 71 3.16 -35.80 1.83
CA GLY A 71 2.52 -36.86 1.08
C GLY A 71 1.04 -36.65 0.78
N ILE A 72 0.52 -35.51 1.20
CA ILE A 72 -0.90 -35.24 1.01
C ILE A 72 -1.19 -34.55 -0.32
N MET A 73 -0.14 -34.22 -1.06
CA MET A 73 -0.30 -33.48 -2.31
C MET A 73 0.86 -33.73 -3.28
N GLN A 74 0.53 -33.75 -4.57
CA GLN A 74 1.54 -33.91 -5.61
C GLN A 74 1.27 -32.98 -6.78
N LYS A 75 2.32 -32.65 -7.53
CA LYS A 75 2.19 -31.79 -8.69
C LYS A 75 1.84 -32.60 -9.93
N VAL A 76 0.83 -32.14 -10.67
CA VAL A 76 0.49 -32.75 -11.95
C VAL A 76 1.46 -32.23 -13.00
N ALA A 77 2.48 -33.03 -13.29
CA ALA A 77 3.58 -32.62 -14.17
C ALA A 77 3.10 -32.20 -15.56
N GLY A 78 3.46 -30.98 -15.96
CA GLY A 78 3.12 -30.47 -17.27
C GLY A 78 2.01 -29.44 -17.25
N GLU A 79 0.96 -29.73 -16.50
CA GLU A 79 -0.19 -28.85 -16.42
C GLU A 79 0.10 -27.63 -15.55
N ARG A 80 -0.22 -26.44 -16.06
CA ARG A 80 0.08 -25.20 -15.36
C ARG A 80 -0.96 -24.89 -14.28
N TYR A 81 -0.47 -24.54 -13.08
CA TYR A 81 -1.29 -24.22 -11.92
C TYR A 81 -2.14 -25.38 -11.45
N VAL A 82 -1.76 -26.61 -11.83
CA VAL A 82 -2.57 -27.77 -11.50
C VAL A 82 -1.89 -28.69 -10.48
N TYR A 83 -2.60 -28.96 -9.39
CA TYR A 83 -2.13 -29.87 -8.36
C TYR A 83 -3.17 -30.96 -8.13
N LYS A 84 -2.85 -31.94 -7.30
CA LYS A 84 -3.81 -32.97 -6.94
C LYS A 84 -3.53 -33.57 -5.57
N PHE A 85 -4.58 -34.03 -4.90
CA PHE A 85 -4.43 -34.71 -3.63
C PHE A 85 -4.09 -36.17 -3.87
N VAL A 86 -3.23 -36.73 -3.02
CA VAL A 86 -2.77 -38.10 -3.19
C VAL A 86 -3.72 -39.10 -2.54
N CYS A 87 -4.06 -40.14 -3.29
CA CYS A 87 -4.96 -41.17 -2.80
C CYS A 87 -4.17 -42.35 -2.24
N GLU A 88 -3.54 -42.14 -1.09
CA GLU A 88 -2.75 -43.18 -0.44
C GLU A 88 -3.00 -43.18 1.07
N PRO A 89 -2.84 -44.34 1.71
CA PRO A 89 -2.95 -44.44 3.18
C PRO A 89 -1.98 -43.52 3.89
N ASP A 90 -0.82 -43.29 3.27
CA ASP A 90 0.21 -42.42 3.83
C ASP A 90 -0.30 -40.98 3.93
N ALA A 91 -1.04 -40.55 2.93
CA ALA A 91 -1.58 -39.20 2.88
C ALA A 91 -2.65 -39.00 3.93
N LEU A 92 -3.48 -40.01 4.12
CA LEU A 92 -4.59 -39.95 5.07
C LEU A 92 -4.09 -39.81 6.50
N PHE A 93 -2.89 -40.32 6.75
CA PHE A 93 -2.27 -40.24 8.07
C PHE A 93 -1.79 -38.82 8.37
N SER A 94 -1.14 -38.21 7.38
CA SER A 94 -0.60 -36.87 7.55
C SER A 94 -1.70 -35.83 7.65
N MET A 95 -2.86 -36.14 7.08
CA MET A 95 -4.01 -35.24 7.16
C MET A 95 -4.69 -35.35 8.52
N ALA A 96 -4.67 -36.55 9.10
CA ALA A 96 -5.26 -36.77 10.41
C ALA A 96 -4.31 -36.31 11.50
N PHE A 97 -3.01 -36.53 11.30
CA PHE A 97 -1.99 -36.16 12.26
C PHE A 97 -0.85 -35.40 11.59
N PRO A 98 -1.02 -34.08 11.41
CA PRO A 98 0.01 -33.25 10.77
C PRO A 98 1.29 -33.16 11.62
N ASP A 99 1.18 -33.52 12.90
CA ASP A 99 2.30 -33.49 13.83
C ASP A 99 2.92 -32.10 13.90
N ALA D 5 -14.91 -2.98 38.32
CA ALA D 5 -14.81 -4.43 38.53
C ALA D 5 -13.88 -5.06 37.50
N LEU D 6 -14.05 -6.35 37.29
CA LEU D 6 -13.25 -7.08 36.31
C LEU D 6 -14.12 -7.70 35.23
N GLN D 7 -13.64 -7.66 33.99
CA GLN D 7 -14.29 -8.38 32.90
C GLN D 7 -13.84 -9.84 32.94
N LEU D 8 -14.58 -10.71 32.28
CA LEU D 8 -14.28 -12.14 32.30
C LEU D 8 -12.87 -12.43 31.77
N TRP D 9 -12.50 -11.75 30.69
CA TRP D 9 -11.19 -11.99 30.07
C TRP D 9 -10.07 -11.51 31.00
N GLN D 10 -10.33 -10.44 31.75
CA GLN D 10 -9.36 -9.95 32.72
C GLN D 10 -9.17 -10.96 33.85
N PHE D 11 -10.27 -11.61 34.24
CA PHE D 11 -10.25 -12.59 35.30
C PHE D 11 -9.57 -13.89 34.85
N LEU D 12 -9.76 -14.24 33.58
CA LEU D 12 -9.17 -15.46 33.04
C LEU D 12 -7.65 -15.32 32.95
N VAL D 13 -7.20 -14.16 32.47
CA VAL D 13 -5.77 -13.89 32.33
C VAL D 13 -5.07 -13.96 33.69
N ALA D 14 -5.74 -13.46 34.73
CA ALA D 14 -5.21 -13.49 36.08
C ALA D 14 -4.94 -14.92 36.54
N LEU D 15 -5.91 -15.80 36.34
CA LEU D 15 -5.75 -17.20 36.68
C LEU D 15 -4.70 -17.86 35.81
N LEU D 16 -4.63 -17.44 34.55
CA LEU D 16 -3.70 -18.01 33.59
C LEU D 16 -2.26 -17.63 33.90
N ASP D 17 -2.07 -16.48 34.55
CA ASP D 17 -0.73 -16.01 34.89
C ASP D 17 -0.20 -16.72 36.12
N ASP D 18 -1.11 -17.25 36.93
CA ASP D 18 -0.74 -17.94 38.17
C ASP D 18 -0.53 -19.42 37.91
N PRO D 19 0.73 -19.89 38.04
CA PRO D 19 1.08 -21.29 37.81
C PRO D 19 0.44 -22.25 38.81
N THR D 20 0.03 -21.71 39.95
CA THR D 20 -0.61 -22.50 41.00
C THR D 20 -1.98 -23.00 40.56
N ASN D 21 -2.60 -22.26 39.63
CA ASN D 21 -3.93 -22.59 39.15
C ASN D 21 -3.90 -23.49 37.93
N ALA D 22 -2.74 -24.02 37.61
CA ALA D 22 -2.55 -24.81 36.40
C ALA D 22 -3.17 -26.20 36.50
N HIS D 23 -3.85 -26.49 37.60
CA HIS D 23 -4.49 -27.79 37.78
C HIS D 23 -5.97 -27.73 37.41
N PHE D 24 -6.42 -26.58 36.92
CA PHE D 24 -7.78 -26.46 36.42
C PHE D 24 -7.89 -25.44 35.28
N ILE D 25 -6.85 -24.63 35.10
CA ILE D 25 -6.77 -23.72 33.96
C ILE D 25 -5.32 -23.29 33.70
N ALA D 26 -4.89 -23.41 32.45
CA ALA D 26 -3.51 -23.07 32.09
C ALA D 26 -3.36 -22.86 30.59
N TRP D 27 -2.28 -22.20 30.19
CA TRP D 27 -1.96 -22.04 28.77
C TRP D 27 -1.53 -23.38 28.19
N THR D 28 -1.64 -23.53 26.88
CA THR D 28 -1.24 -24.77 26.22
C THR D 28 0.12 -24.61 25.54
N GLY D 29 0.63 -23.39 25.54
CA GLY D 29 1.93 -23.10 24.94
C GLY D 29 1.83 -22.67 23.49
N ARG D 30 0.87 -23.23 22.76
CA ARG D 30 0.66 -22.90 21.36
C ARG D 30 0.03 -21.52 21.21
N GLY D 31 0.88 -20.49 21.19
CA GLY D 31 0.41 -19.12 21.05
C GLY D 31 -0.39 -18.66 22.25
N MET D 32 -1.43 -17.86 21.99
CA MET D 32 -2.31 -17.38 23.04
C MET D 32 -3.53 -18.28 23.18
N GLU D 33 -3.28 -19.55 23.42
CA GLU D 33 -4.34 -20.56 23.56
C GLU D 33 -4.34 -21.15 24.97
N PHE D 34 -5.52 -21.18 25.58
CA PHE D 34 -5.64 -21.71 26.95
C PHE D 34 -6.70 -22.79 27.05
N LYS D 35 -6.62 -23.57 28.13
CA LYS D 35 -7.53 -24.69 28.33
C LYS D 35 -8.13 -24.69 29.73
N LEU D 36 -9.44 -24.96 29.82
CA LEU D 36 -10.13 -25.07 31.09
C LEU D 36 -10.16 -26.51 31.57
N ILE D 37 -9.10 -26.94 32.26
CA ILE D 37 -8.96 -28.33 32.70
C ILE D 37 -10.13 -28.78 33.56
N GLU D 38 -10.43 -28.00 34.60
CA GLU D 38 -11.62 -28.23 35.41
C GLU D 38 -12.56 -27.03 35.27
N PRO D 39 -13.38 -27.03 34.21
CA PRO D 39 -14.23 -25.89 33.83
C PRO D 39 -15.22 -25.47 34.89
N GLU D 40 -15.89 -26.43 35.52
CA GLU D 40 -16.88 -26.11 36.55
C GLU D 40 -16.23 -25.49 37.77
N GLU D 41 -14.96 -25.80 38.00
CA GLU D 41 -14.21 -25.19 39.08
C GLU D 41 -13.87 -23.74 38.75
N VAL D 42 -13.50 -23.49 37.49
CA VAL D 42 -13.20 -22.15 37.01
C VAL D 42 -14.45 -21.27 37.11
N ALA D 43 -15.59 -21.84 36.75
CA ALA D 43 -16.86 -21.10 36.79
C ALA D 43 -17.26 -20.75 38.21
N ARG D 44 -16.94 -21.63 39.16
CA ARG D 44 -17.26 -21.39 40.55
C ARG D 44 -16.49 -20.17 41.07
N LEU D 45 -15.24 -20.06 40.68
CA LEU D 45 -14.41 -18.92 41.06
C LEU D 45 -14.92 -17.63 40.43
N TRP D 46 -15.49 -17.75 39.24
CA TRP D 46 -16.05 -16.61 38.54
C TRP D 46 -17.36 -16.17 39.19
N GLY D 47 -18.05 -17.11 39.82
CA GLY D 47 -19.27 -16.81 40.54
C GLY D 47 -18.97 -16.07 41.83
N ILE D 48 -17.85 -16.44 42.45
CA ILE D 48 -17.38 -15.77 43.66
C ILE D 48 -17.01 -14.33 43.35
N GLN D 49 -16.30 -14.14 42.24
CA GLN D 49 -15.83 -12.82 41.82
C GLN D 49 -16.97 -11.85 41.54
N LYS D 50 -18.00 -12.34 40.86
CA LYS D 50 -19.11 -11.48 40.45
C LYS D 50 -20.31 -11.60 41.40
N ASN D 51 -20.11 -12.34 42.49
CA ASN D 51 -21.17 -12.58 43.47
C ASN D 51 -22.42 -13.17 42.83
N ARG D 52 -22.23 -14.10 41.90
CA ARG D 52 -23.32 -14.84 41.28
C ARG D 52 -23.21 -16.31 41.64
N PRO D 53 -23.92 -16.73 42.69
CA PRO D 53 -23.82 -18.11 43.19
C PRO D 53 -24.30 -19.16 42.18
N ALA D 54 -25.23 -18.77 41.32
CA ALA D 54 -25.79 -19.68 40.33
C ALA D 54 -24.97 -19.72 39.04
N MET D 55 -23.65 -19.59 39.17
CA MET D 55 -22.77 -19.58 38.01
C MET D 55 -22.20 -20.96 37.72
N ASN D 56 -22.52 -21.48 36.53
CA ASN D 56 -21.99 -22.76 36.08
C ASN D 56 -21.12 -22.57 34.85
N TYR D 57 -20.72 -23.67 34.22
CA TYR D 57 -19.91 -23.61 33.02
C TYR D 57 -20.77 -23.27 31.81
N ASP D 58 -22.06 -23.59 31.90
CA ASP D 58 -22.99 -23.29 30.82
C ASP D 58 -23.16 -21.78 30.65
N LYS D 59 -23.19 -21.06 31.76
CA LYS D 59 -23.37 -19.62 31.74
C LYS D 59 -22.06 -18.89 31.43
N LEU D 60 -20.95 -19.46 31.89
CA LEU D 60 -19.64 -18.87 31.64
C LEU D 60 -19.23 -19.03 30.18
N SER D 61 -19.49 -20.21 29.62
CA SER D 61 -19.15 -20.49 28.22
C SER D 61 -19.94 -19.58 27.28
N ARG D 62 -21.14 -19.20 27.70
CA ARG D 62 -21.96 -18.29 26.91
C ARG D 62 -21.30 -16.92 26.82
N SER D 63 -20.65 -16.52 27.91
CA SER D 63 -19.91 -15.26 27.94
C SER D 63 -18.69 -15.36 27.04
N LEU D 64 -18.11 -16.57 26.99
CA LEU D 64 -16.99 -16.82 26.10
C LEU D 64 -17.46 -16.81 24.65
N ARG D 65 -18.64 -17.36 24.41
CA ARG D 65 -19.24 -17.33 23.08
C ARG D 65 -19.68 -15.92 22.73
N TYR D 66 -19.93 -15.11 23.75
CA TYR D 66 -20.23 -13.69 23.55
C TYR D 66 -18.97 -12.97 23.08
N TYR D 67 -17.82 -13.48 23.50
CA TYR D 67 -16.54 -12.91 23.08
C TYR D 67 -16.23 -13.24 21.62
N TYR D 68 -16.94 -14.21 21.05
CA TYR D 68 -16.80 -14.53 19.64
C TYR D 68 -17.25 -13.33 18.82
N GLU D 69 -18.47 -12.87 19.10
CA GLU D 69 -19.06 -11.74 18.40
C GLU D 69 -18.33 -10.44 18.70
N LYS D 70 -17.71 -10.36 19.88
CA LYS D 70 -16.89 -9.20 20.24
C LYS D 70 -15.53 -9.29 19.55
N GLY D 71 -15.15 -10.50 19.17
CA GLY D 71 -13.99 -10.72 18.34
C GLY D 71 -12.67 -10.95 19.06
N ILE D 72 -12.71 -11.01 20.39
CA ILE D 72 -11.47 -11.17 21.16
C ILE D 72 -11.14 -12.63 21.42
N MET D 73 -12.09 -13.52 21.15
CA MET D 73 -11.87 -14.95 21.39
C MET D 73 -12.40 -15.82 20.26
N GLN D 74 -11.81 -17.01 20.15
CA GLN D 74 -12.28 -18.04 19.23
C GLN D 74 -12.21 -19.40 19.90
N LYS D 75 -12.97 -20.35 19.39
CA LYS D 75 -12.97 -21.71 19.92
C LYS D 75 -12.11 -22.62 19.07
N VAL D 76 -11.13 -23.27 19.69
CA VAL D 76 -10.31 -24.24 18.98
C VAL D 76 -11.14 -25.50 18.73
N ALA D 77 -11.58 -25.67 17.48
CA ALA D 77 -12.46 -26.77 17.12
C ALA D 77 -11.82 -28.13 17.36
N GLY D 78 -12.61 -29.06 17.89
CA GLY D 78 -12.14 -30.42 18.12
C GLY D 78 -11.32 -30.59 19.38
N GLU D 79 -11.22 -29.53 20.16
CA GLU D 79 -10.46 -29.57 21.41
C GLU D 79 -11.32 -29.13 22.58
N ARG D 80 -11.72 -30.10 23.41
CA ARG D 80 -12.63 -29.85 24.52
C ARG D 80 -12.05 -28.91 25.57
N TYR D 81 -12.85 -27.92 25.97
CA TYR D 81 -12.49 -26.93 26.98
C TYR D 81 -11.31 -26.07 26.57
N VAL D 82 -11.05 -25.98 25.27
CA VAL D 82 -9.91 -25.21 24.77
C VAL D 82 -10.35 -23.99 23.97
N TYR D 83 -10.01 -22.82 24.48
CA TYR D 83 -10.32 -21.55 23.83
C TYR D 83 -9.02 -20.83 23.50
N LYS D 84 -9.12 -19.69 22.81
CA LYS D 84 -7.94 -18.86 22.55
C LYS D 84 -8.32 -17.41 22.30
N PHE D 85 -7.38 -16.51 22.57
CA PHE D 85 -7.55 -15.10 22.28
C PHE D 85 -7.19 -14.80 20.83
N VAL D 86 -7.83 -13.79 20.25
CA VAL D 86 -7.60 -13.43 18.86
C VAL D 86 -6.48 -12.40 18.73
N CYS D 87 -5.54 -12.67 17.83
CA CYS D 87 -4.41 -11.78 17.62
C CYS D 87 -4.65 -10.90 16.40
N GLU D 88 -5.76 -10.17 16.41
CA GLU D 88 -6.09 -9.27 15.32
C GLU D 88 -6.38 -7.86 15.85
N PRO D 89 -6.14 -6.84 15.02
CA PRO D 89 -6.46 -5.44 15.36
C PRO D 89 -7.91 -5.26 15.78
N ASP D 90 -8.80 -6.07 15.19
CA ASP D 90 -10.21 -6.01 15.52
C ASP D 90 -10.44 -6.42 16.97
N ALA D 91 -9.75 -7.48 17.40
CA ALA D 91 -9.85 -7.97 18.76
C ALA D 91 -9.32 -6.95 19.76
N LEU D 92 -8.30 -6.21 19.32
CA LEU D 92 -7.64 -5.24 20.19
C LEU D 92 -8.53 -4.02 20.43
N PHE D 93 -9.48 -3.79 19.53
CA PHE D 93 -10.39 -2.67 19.66
C PHE D 93 -11.47 -2.95 20.71
N SER D 94 -12.01 -4.17 20.69
CA SER D 94 -13.08 -4.54 21.61
C SER D 94 -12.60 -4.52 23.06
N MET D 95 -11.33 -4.84 23.26
CA MET D 95 -10.75 -4.82 24.60
C MET D 95 -10.46 -3.41 25.07
N ALA D 96 -10.12 -2.53 24.13
CA ALA D 96 -9.85 -1.14 24.45
C ALA D 96 -11.14 -0.39 24.76
N PHE D 97 -12.21 -0.75 24.05
CA PHE D 97 -13.50 -0.09 24.23
C PHE D 97 -14.65 -1.10 24.26
N PRO D 98 -14.85 -1.73 25.42
CA PRO D 98 -15.99 -2.65 25.60
C PRO D 98 -17.31 -1.89 25.69
N ASP D 99 -18.04 -1.84 24.57
CA ASP D 99 -19.30 -1.10 24.52
C ASP D 99 -20.36 -1.74 25.40
N ALA G 5 -9.63 9.54 30.63
CA ALA G 5 -8.34 9.06 31.11
C ALA G 5 -7.91 7.82 30.34
N LEU G 6 -7.82 7.94 29.02
CA LEU G 6 -7.40 6.83 28.16
C LEU G 6 -5.91 6.60 28.23
N GLN G 7 -5.50 5.33 28.21
CA GLN G 7 -4.09 4.99 28.09
C GLN G 7 -3.65 5.22 26.65
N LEU G 8 -2.35 5.39 26.43
CA LEU G 8 -1.82 5.70 25.12
C LEU G 8 -2.21 4.64 24.07
N TRP G 9 -2.12 3.37 24.46
CA TRP G 9 -2.42 2.28 23.54
C TRP G 9 -3.90 2.23 23.20
N GLN G 10 -4.74 2.73 24.10
CA GLN G 10 -6.17 2.81 23.84
C GLN G 10 -6.48 3.94 22.86
N PHE G 11 -5.71 5.02 22.97
CA PHE G 11 -5.87 6.18 22.09
C PHE G 11 -5.43 5.85 20.67
N LEU G 12 -4.36 5.07 20.54
CA LEU G 12 -3.85 4.68 19.23
C LEU G 12 -4.84 3.81 18.48
N VAL G 13 -5.39 2.80 19.17
CA VAL G 13 -6.37 1.89 18.58
C VAL G 13 -7.60 2.63 18.06
N ALA G 14 -8.00 3.67 18.78
CA ALA G 14 -9.12 4.51 18.35
C ALA G 14 -8.82 5.19 17.02
N LEU G 15 -7.61 5.71 16.88
CA LEU G 15 -7.18 6.35 15.64
C LEU G 15 -7.01 5.32 14.53
N LEU G 16 -6.57 4.12 14.90
CA LEU G 16 -6.32 3.06 13.94
C LEU G 16 -7.61 2.44 13.41
N ASP G 17 -8.71 2.66 14.12
CA ASP G 17 -10.00 2.12 13.70
C ASP G 17 -10.72 3.05 12.74
N ASP G 18 -10.47 4.35 12.88
CA ASP G 18 -11.07 5.36 12.01
C ASP G 18 -10.34 5.40 10.67
N PRO G 19 -11.04 5.05 9.59
CA PRO G 19 -10.45 4.96 8.25
C PRO G 19 -9.99 6.31 7.70
N THR G 20 -10.57 7.40 8.20
CA THR G 20 -10.25 8.74 7.70
C THR G 20 -8.88 9.22 8.20
N ASN G 21 -8.32 8.51 9.16
CA ASN G 21 -7.02 8.88 9.73
C ASN G 21 -5.87 8.16 9.03
N ALA G 22 -6.17 7.50 7.92
CA ALA G 22 -5.19 6.64 7.27
C ALA G 22 -4.05 7.40 6.59
N HIS G 23 -4.13 8.72 6.58
CA HIS G 23 -3.08 9.51 5.96
C HIS G 23 -2.00 9.92 6.96
N PHE G 24 -2.18 9.54 8.23
CA PHE G 24 -1.15 9.79 9.23
C PHE G 24 -0.99 8.66 10.25
N ILE G 25 -1.87 7.66 10.19
CA ILE G 25 -1.75 6.48 11.04
C ILE G 25 -2.69 5.36 10.58
N ALA G 26 -2.17 4.14 10.46
CA ALA G 26 -2.97 3.02 9.96
C ALA G 26 -2.33 1.65 10.24
N TRP G 27 -3.15 0.61 10.23
CA TRP G 27 -2.66 -0.76 10.30
C TRP G 27 -1.99 -1.12 8.98
N THR G 28 -0.87 -1.82 9.05
CA THR G 28 -0.17 -2.23 7.82
C THR G 28 -0.83 -3.46 7.23
N GLY G 29 -1.66 -4.13 8.03
CA GLY G 29 -2.32 -5.35 7.59
C GLY G 29 -1.57 -6.58 8.02
N ARG G 30 -0.27 -6.41 8.26
CA ARG G 30 0.60 -7.51 8.62
C ARG G 30 0.58 -7.78 10.11
N GLY G 31 -0.26 -8.71 10.54
CA GLY G 31 -0.39 -9.05 11.94
C GLY G 31 -0.95 -7.90 12.74
N MET G 32 -0.15 -7.42 13.70
CA MET G 32 -0.57 -6.31 14.54
C MET G 32 0.29 -5.08 14.31
N GLU G 33 0.92 -5.02 13.14
CA GLU G 33 1.77 -3.87 12.80
C GLU G 33 0.95 -2.65 12.44
N PHE G 34 1.42 -1.49 12.91
CA PHE G 34 0.81 -0.22 12.54
C PHE G 34 1.92 0.80 12.28
N LYS G 35 1.60 1.85 11.53
CA LYS G 35 2.59 2.85 11.18
C LYS G 35 2.09 4.26 11.50
N LEU G 36 2.91 5.01 12.23
CA LEU G 36 2.64 6.41 12.48
C LEU G 36 3.15 7.22 11.29
N ILE G 37 2.37 7.22 10.21
CA ILE G 37 2.76 7.84 8.95
C ILE G 37 3.14 9.31 9.12
N GLU G 38 2.43 10.01 9.99
CA GLU G 38 2.80 11.37 10.37
C GLU G 38 2.83 11.46 11.89
N PRO G 39 3.99 11.17 12.49
CA PRO G 39 4.21 11.08 13.93
C PRO G 39 3.76 12.29 14.71
N GLU G 40 4.11 13.49 14.26
CA GLU G 40 3.79 14.71 14.99
C GLU G 40 2.29 15.01 14.99
N GLU G 41 1.59 14.64 13.92
CA GLU G 41 0.15 14.82 13.85
C GLU G 41 -0.54 13.95 14.90
N VAL G 42 -0.06 12.72 15.05
CA VAL G 42 -0.58 11.82 16.07
C VAL G 42 -0.27 12.35 17.46
N ALA G 43 0.91 12.96 17.61
CA ALA G 43 1.33 13.54 18.89
C ALA G 43 0.45 14.71 19.28
N ARG G 44 0.10 15.55 18.30
CA ARG G 44 -0.76 16.69 18.55
C ARG G 44 -2.12 16.25 19.08
N LEU G 45 -2.69 15.25 18.44
CA LEU G 45 -3.97 14.71 18.85
C LEU G 45 -3.87 14.07 20.23
N TRP G 46 -2.70 13.51 20.53
CA TRP G 46 -2.44 12.91 21.83
C TRP G 46 -2.34 13.98 22.90
N GLY G 47 -1.73 15.12 22.55
CA GLY G 47 -1.61 16.23 23.46
C GLY G 47 -2.97 16.84 23.78
N ILE G 48 -3.87 16.79 22.81
CA ILE G 48 -5.23 17.28 22.99
C ILE G 48 -6.00 16.36 23.94
N GLN G 49 -5.74 15.06 23.82
CA GLN G 49 -6.40 14.06 24.64
C GLN G 49 -6.07 14.22 26.12
N LYS G 50 -4.77 14.26 26.43
CA LYS G 50 -4.31 14.37 27.81
C LYS G 50 -4.18 15.81 28.27
N ASN G 51 -4.68 16.73 27.44
CA ASN G 51 -4.59 18.16 27.71
C ASN G 51 -3.16 18.62 28.01
N ARG G 52 -2.22 18.14 27.20
CA ARG G 52 -0.83 18.54 27.31
C ARG G 52 -0.41 19.38 26.11
N PRO G 53 -0.04 20.64 26.35
CA PRO G 53 0.26 21.61 25.29
C PRO G 53 1.47 21.26 24.43
N ALA G 54 2.61 20.95 25.05
CA ALA G 54 3.84 20.74 24.32
C ALA G 54 4.15 19.25 24.12
N MET G 55 3.23 18.55 23.46
CA MET G 55 3.42 17.13 23.19
C MET G 55 3.93 16.91 21.76
N ASN G 56 5.02 16.15 21.65
CA ASN G 56 5.61 15.85 20.35
C ASN G 56 5.89 14.36 20.20
N TYR G 57 6.43 13.97 19.04
CA TYR G 57 6.73 12.56 18.79
C TYR G 57 7.86 12.05 19.66
N ASP G 58 8.76 12.94 20.07
CA ASP G 58 9.86 12.57 20.93
C ASP G 58 9.35 12.00 22.25
N LYS G 59 8.39 12.71 22.85
CA LYS G 59 7.80 12.29 24.12
C LYS G 59 6.87 11.09 23.95
N LEU G 60 6.12 11.08 22.84
CA LEU G 60 5.19 9.98 22.58
C LEU G 60 5.92 8.67 22.32
N SER G 61 6.95 8.72 21.48
CA SER G 61 7.74 7.53 21.17
C SER G 61 8.41 6.96 22.41
N ARG G 62 8.71 7.82 23.37
CA ARG G 62 9.30 7.38 24.63
C ARG G 62 8.32 6.53 25.43
N SER G 63 7.04 6.90 25.38
CA SER G 63 6.00 6.13 26.03
C SER G 63 5.76 4.82 25.27
N LEU G 64 6.05 4.84 23.97
CA LEU G 64 5.97 3.63 23.17
C LEU G 64 7.09 2.67 23.57
N ARG G 65 8.25 3.24 23.88
CA ARG G 65 9.39 2.45 24.34
C ARG G 65 9.16 1.96 25.77
N TYR G 66 8.37 2.71 26.53
CA TYR G 66 7.94 2.28 27.86
C TYR G 66 7.09 1.02 27.75
N TYR G 67 6.35 0.91 26.66
CA TYR G 67 5.51 -0.26 26.42
C TYR G 67 6.31 -1.50 26.10
N TYR G 68 7.59 -1.34 25.76
CA TYR G 68 8.48 -2.47 25.54
C TYR G 68 8.71 -3.21 26.85
N GLU G 69 8.94 -2.44 27.92
CA GLU G 69 9.14 -3.01 29.24
C GLU G 69 7.88 -3.70 29.74
N LYS G 70 6.74 -3.06 29.53
CA LYS G 70 5.45 -3.63 29.91
C LYS G 70 5.14 -4.84 29.04
N GLY G 71 5.77 -4.89 27.87
CA GLY G 71 5.73 -6.07 27.01
C GLY G 71 4.58 -6.12 26.02
N ILE G 72 3.84 -5.02 25.89
CA ILE G 72 2.69 -5.00 24.99
C ILE G 72 3.03 -4.48 23.59
N MET G 73 4.24 -3.95 23.43
CA MET G 73 4.67 -3.45 22.13
C MET G 73 6.11 -3.83 21.79
N GLN G 74 6.41 -3.78 20.51
CA GLN G 74 7.77 -3.98 20.01
C GLN G 74 8.02 -3.07 18.82
N LYS G 75 9.28 -2.73 18.60
CA LYS G 75 9.67 -1.96 17.42
C LYS G 75 9.90 -2.90 16.24
N VAL G 76 9.49 -2.49 15.06
CA VAL G 76 9.80 -3.23 13.85
C VAL G 76 11.03 -2.60 13.20
N ALA G 77 12.20 -3.17 13.49
CA ALA G 77 13.47 -2.60 13.05
C ALA G 77 13.57 -2.54 11.52
N GLY G 78 14.18 -1.47 11.02
CA GLY G 78 14.33 -1.29 9.59
C GLY G 78 13.09 -0.67 8.97
N GLU G 79 12.09 -0.41 9.80
CA GLU G 79 10.84 0.17 9.33
C GLU G 79 10.54 1.48 10.06
N ARG G 80 10.63 2.59 9.34
CA ARG G 80 10.43 3.90 9.93
C ARG G 80 9.01 4.09 10.41
N TYR G 81 8.86 4.53 11.66
CA TYR G 81 7.57 4.85 12.27
C TYR G 81 6.66 3.63 12.41
N VAL G 82 7.24 2.43 12.38
CA VAL G 82 6.44 1.21 12.46
C VAL G 82 6.61 0.47 13.77
N TYR G 83 5.50 0.17 14.43
CA TYR G 83 5.50 -0.58 15.67
C TYR G 83 4.53 -1.76 15.57
N LYS G 84 4.54 -2.62 16.58
CA LYS G 84 3.62 -3.74 16.61
C LYS G 84 3.20 -4.08 18.04
N PHE G 85 1.93 -4.43 18.20
CA PHE G 85 1.47 -4.97 19.48
C PHE G 85 1.95 -6.41 19.60
N VAL G 86 2.39 -6.79 20.80
CA VAL G 86 2.87 -8.14 21.03
C VAL G 86 1.68 -9.09 21.27
N CYS G 87 1.69 -10.22 20.57
CA CYS G 87 0.64 -11.21 20.75
C CYS G 87 1.14 -12.34 21.64
N GLU G 88 1.35 -12.02 22.92
CA GLU G 88 1.85 -12.97 23.90
C GLU G 88 1.02 -12.89 25.18
N PRO G 89 0.86 -14.02 25.88
CA PRO G 89 0.16 -14.04 27.17
C PRO G 89 0.71 -13.03 28.16
N ASP G 90 2.02 -12.87 28.19
CA ASP G 90 2.68 -11.91 29.07
C ASP G 90 2.21 -10.49 28.73
N ALA G 91 2.04 -10.22 27.45
CA ALA G 91 1.56 -8.92 26.99
C ALA G 91 0.09 -8.73 27.36
N LEU G 92 -0.68 -9.80 27.22
CA LEU G 92 -2.11 -9.77 27.48
C LEU G 92 -2.39 -9.51 28.96
N PHE G 93 -1.45 -9.90 29.81
CA PHE G 93 -1.57 -9.66 31.24
C PHE G 93 -1.34 -8.19 31.56
N SER G 94 -0.30 -7.61 30.96
CA SER G 94 0.08 -6.23 31.22
C SER G 94 -1.00 -5.25 30.77
N MET G 95 -1.75 -5.62 29.74
CA MET G 95 -2.84 -4.78 29.26
C MET G 95 -4.01 -4.80 30.23
N ALA G 96 -4.24 -5.96 30.83
CA ALA G 96 -5.34 -6.12 31.78
C ALA G 96 -5.02 -5.48 33.12
N PHE G 97 -3.76 -5.58 33.53
CA PHE G 97 -3.34 -5.08 34.83
C PHE G 97 -2.08 -4.23 34.78
N PRO G 98 -2.24 -2.94 34.44
CA PRO G 98 -1.11 -2.00 34.55
C PRO G 98 -0.86 -1.59 36.01
N ASP G 99 0.11 -2.23 36.64
CA ASP G 99 0.40 -1.99 38.05
C ASP G 99 0.94 -0.58 38.30
N LEU J 6 6.18 24.26 -9.96
CA LEU J 6 6.59 24.90 -8.70
C LEU J 6 7.85 24.27 -8.14
N GLN J 7 8.76 25.12 -7.65
CA GLN J 7 9.94 24.66 -6.94
C GLN J 7 9.59 24.45 -5.48
N LEU J 8 10.48 23.78 -4.74
CA LEU J 8 10.23 23.46 -3.34
C LEU J 8 10.07 24.71 -2.48
N TRP J 9 10.91 25.71 -2.70
CA TRP J 9 10.87 26.93 -1.90
C TRP J 9 9.61 27.73 -2.17
N GLN J 10 9.07 27.61 -3.38
CA GLN J 10 7.82 28.26 -3.73
C GLN J 10 6.63 27.58 -3.04
N PHE J 11 6.67 26.25 -3.03
CA PHE J 11 5.60 25.45 -2.44
C PHE J 11 5.47 25.69 -0.95
N LEU J 12 6.61 25.87 -0.28
CA LEU J 12 6.62 26.11 1.16
C LEU J 12 5.99 27.46 1.50
N VAL J 13 6.38 28.50 0.77
CA VAL J 13 5.85 29.84 0.98
C VAL J 13 4.32 29.87 0.79
N ALA J 14 3.84 29.12 -0.19
CA ALA J 14 2.42 29.03 -0.47
C ALA J 14 1.65 28.48 0.73
N LEU J 15 2.19 27.42 1.33
CA LEU J 15 1.60 26.85 2.54
C LEU J 15 1.75 27.81 3.72
N LEU J 16 2.85 28.54 3.73
CA LEU J 16 3.17 29.45 4.82
C LEU J 16 2.29 30.69 4.83
N ASP J 17 1.62 30.96 3.71
CA ASP J 17 0.77 32.13 3.60
C ASP J 17 -0.65 31.85 4.11
N ASP J 18 -1.10 30.61 3.95
CA ASP J 18 -2.44 30.21 4.38
C ASP J 18 -2.44 29.84 5.86
N PRO J 19 -3.22 30.57 6.67
CA PRO J 19 -3.29 30.39 8.12
C PRO J 19 -3.99 29.09 8.53
N THR J 20 -4.64 28.41 7.58
CA THR J 20 -5.30 27.15 7.86
C THR J 20 -4.31 25.99 7.80
N ASN J 21 -3.04 26.32 7.63
CA ASN J 21 -1.96 25.32 7.62
C ASN J 21 -1.10 25.42 8.87
N ALA J 22 -1.53 26.26 9.80
CA ALA J 22 -0.74 26.60 10.97
C ALA J 22 -0.45 25.41 11.89
N HIS J 23 -1.20 24.32 11.71
CA HIS J 23 -1.05 23.16 12.59
C HIS J 23 0.06 22.23 12.13
N PHE J 24 0.63 22.48 10.94
CA PHE J 24 1.73 21.66 10.46
C PHE J 24 2.84 22.47 9.79
N ILE J 25 2.59 23.76 9.57
CA ILE J 25 3.62 24.66 9.02
C ILE J 25 3.27 26.12 9.28
N ALA J 26 4.27 26.90 9.68
CA ALA J 26 4.06 28.31 10.02
C ALA J 26 5.37 29.08 10.12
N TRP J 27 5.29 30.41 10.01
CA TRP J 27 6.42 31.26 10.30
C TRP J 27 6.59 31.37 11.80
N THR J 28 7.74 31.86 12.25
CA THR J 28 8.02 31.97 13.67
C THR J 28 7.93 33.41 14.16
N GLY J 29 8.24 34.35 13.26
CA GLY J 29 8.24 35.76 13.61
C GLY J 29 9.66 36.30 13.65
N ARG J 30 10.63 35.40 13.78
CA ARG J 30 12.03 35.77 13.80
C ARG J 30 12.57 35.97 12.38
N GLY J 31 12.09 37.01 11.71
CA GLY J 31 12.53 37.33 10.37
C GLY J 31 11.97 36.41 9.32
N MET J 32 12.85 35.61 8.72
CA MET J 32 12.46 34.69 7.66
C MET J 32 12.47 33.24 8.16
N GLU J 33 12.43 33.09 9.47
CA GLU J 33 12.51 31.78 10.10
C GLU J 33 11.14 31.08 10.11
N PHE J 34 11.12 29.83 9.67
CA PHE J 34 9.87 29.06 9.63
C PHE J 34 10.08 27.65 10.17
N LYS J 35 9.00 27.03 10.63
CA LYS J 35 9.08 25.70 11.23
C LYS J 35 8.07 24.74 10.61
N LEU J 36 8.55 23.55 10.27
CA LEU J 36 7.67 22.48 9.79
C LEU J 36 7.17 21.67 10.99
N ILE J 37 6.12 22.16 11.64
CA ILE J 37 5.58 21.56 12.85
C ILE J 37 5.29 20.07 12.68
N GLU J 38 4.71 19.71 11.54
CA GLU J 38 4.49 18.31 11.20
C GLU J 38 5.10 18.00 9.84
N PRO J 39 6.38 17.60 9.85
CA PRO J 39 7.22 17.37 8.65
C PRO J 39 6.59 16.44 7.62
N GLU J 40 6.08 15.29 8.06
CA GLU J 40 5.56 14.30 7.13
C GLU J 40 4.32 14.79 6.41
N GLU J 41 3.53 15.63 7.07
CA GLU J 41 2.35 16.22 6.45
C GLU J 41 2.74 17.12 5.29
N VAL J 42 3.81 17.90 5.49
CA VAL J 42 4.33 18.76 4.44
C VAL J 42 4.90 17.92 3.30
N ALA J 43 5.57 16.82 3.66
CA ALA J 43 6.17 15.93 2.68
C ALA J 43 5.10 15.20 1.87
N ARG J 44 3.95 14.96 2.49
CA ARG J 44 2.85 14.30 1.79
C ARG J 44 2.27 15.23 0.73
N LEU J 45 2.03 16.48 1.12
CA LEU J 45 1.49 17.48 0.20
C LEU J 45 2.48 17.81 -0.90
N TRP J 46 3.77 17.72 -0.59
CA TRP J 46 4.82 17.96 -1.58
C TRP J 46 4.97 16.77 -2.51
N GLY J 47 4.69 15.57 -1.99
CA GLY J 47 4.73 14.37 -2.79
C GLY J 47 3.60 14.34 -3.81
N ILE J 48 2.49 14.96 -3.45
CA ILE J 48 1.34 15.07 -4.35
C ILE J 48 1.67 15.98 -5.52
N GLN J 49 2.30 17.12 -5.22
CA GLN J 49 2.67 18.10 -6.23
C GLN J 49 3.54 17.52 -7.33
N LYS J 50 4.45 16.64 -6.95
CA LYS J 50 5.41 16.07 -7.90
C LYS J 50 5.00 14.69 -8.38
N ASN J 51 3.80 14.27 -7.98
CA ASN J 51 3.29 12.93 -8.29
C ASN J 51 4.27 11.83 -7.88
N ARG J 52 4.92 12.04 -6.74
CA ARG J 52 5.80 11.03 -6.15
C ARG J 52 5.29 10.72 -4.75
N PRO J 53 4.37 9.75 -4.64
CA PRO J 53 3.63 9.44 -3.41
C PRO J 53 4.50 8.89 -2.28
N ALA J 54 5.65 8.34 -2.61
CA ALA J 54 6.53 7.76 -1.60
C ALA J 54 7.45 8.81 -0.97
N MET J 55 7.05 10.07 -1.08
CA MET J 55 7.84 11.18 -0.54
C MET J 55 7.68 11.30 0.98
N ASN J 56 8.81 11.45 1.66
CA ASN J 56 8.81 11.68 3.10
C ASN J 56 9.74 12.82 3.48
N TYR J 57 9.80 13.12 4.78
CA TYR J 57 10.61 14.23 5.28
C TYR J 57 12.10 13.96 5.10
N ASP J 58 12.48 12.68 5.08
CA ASP J 58 13.87 12.31 4.91
C ASP J 58 14.40 12.67 3.53
N LYS J 59 13.48 12.87 2.59
CA LYS J 59 13.86 13.24 1.22
C LYS J 59 13.59 14.71 0.94
N LEU J 60 12.59 15.27 1.61
CA LEU J 60 12.30 16.70 1.49
C LEU J 60 13.43 17.50 2.14
N SER J 61 13.85 17.06 3.31
CA SER J 61 14.92 17.73 4.05
C SER J 61 16.24 17.66 3.30
N ARG J 62 16.38 16.65 2.44
CA ARG J 62 17.58 16.51 1.63
C ARG J 62 17.65 17.64 0.60
N SER J 63 16.50 17.99 0.04
CA SER J 63 16.42 19.11 -0.89
C SER J 63 16.59 20.43 -0.16
N LEU J 64 16.24 20.44 1.12
CA LEU J 64 16.45 21.61 1.96
C LEU J 64 17.94 21.79 2.23
N ARG J 65 18.64 20.67 2.39
CA ARG J 65 20.08 20.69 2.58
C ARG J 65 20.78 21.02 1.26
N TYR J 66 20.10 20.70 0.16
CA TYR J 66 20.58 21.09 -1.16
C TYR J 66 20.52 22.62 -1.28
N TYR J 67 19.50 23.21 -0.67
CA TYR J 67 19.31 24.65 -0.68
C TYR J 67 20.40 25.39 0.09
N TYR J 68 21.13 24.67 0.95
CA TYR J 68 22.24 25.26 1.67
C TYR J 68 23.33 25.69 0.70
N GLU J 69 23.67 24.79 -0.21
CA GLU J 69 24.74 25.03 -1.17
C GLU J 69 24.37 26.14 -2.14
N LYS J 70 23.08 26.25 -2.45
CA LYS J 70 22.61 27.33 -3.31
C LYS J 70 22.53 28.62 -2.52
N GLY J 71 22.51 28.49 -1.19
CA GLY J 71 22.60 29.64 -0.30
C GLY J 71 21.28 30.32 0.04
N ILE J 72 20.17 29.71 -0.38
CA ILE J 72 18.86 30.32 -0.14
C ILE J 72 18.24 29.88 1.18
N MET J 73 18.86 28.90 1.84
CA MET J 73 18.36 28.40 3.12
C MET J 73 19.45 28.08 4.11
N GLN J 74 19.12 28.15 5.39
CA GLN J 74 20.00 27.75 6.47
C GLN J 74 19.23 27.02 7.55
N LYS J 75 19.90 26.12 8.25
CA LYS J 75 19.29 25.40 9.36
C LYS J 75 19.51 26.15 10.66
N VAL J 76 18.42 26.45 11.36
CA VAL J 76 18.52 27.02 12.69
C VAL J 76 18.91 25.91 13.66
N ALA J 77 20.20 25.81 13.94
CA ALA J 77 20.74 24.70 14.73
C ALA J 77 20.15 24.64 16.14
N GLY J 78 19.82 23.42 16.57
CA GLY J 78 19.27 23.21 17.90
C GLY J 78 17.76 23.31 17.94
N GLU J 79 17.18 23.94 16.92
CA GLU J 79 15.74 24.07 16.82
C GLU J 79 15.17 23.03 15.86
N ARG J 80 14.47 22.05 16.41
CA ARG J 80 13.96 20.94 15.62
C ARG J 80 12.89 21.37 14.63
N TYR J 81 13.00 20.87 13.40
CA TYR J 81 12.06 21.17 12.32
C TYR J 81 12.07 22.64 11.91
N VAL J 82 13.13 23.36 12.25
CA VAL J 82 13.17 24.79 11.98
C VAL J 82 14.25 25.18 10.96
N TYR J 83 13.83 25.91 9.93
CA TYR J 83 14.72 26.42 8.90
C TYR J 83 14.49 27.92 8.72
N LYS J 84 15.26 28.54 7.83
CA LYS J 84 15.08 29.95 7.53
C LYS J 84 15.61 30.30 6.14
N PHE J 85 15.11 31.42 5.60
CA PHE J 85 15.60 31.93 4.33
C PHE J 85 16.73 32.94 4.55
N VAL J 86 17.72 32.90 3.67
CA VAL J 86 18.86 33.80 3.77
C VAL J 86 18.63 35.09 2.98
N CYS J 87 18.70 36.22 3.66
CA CYS J 87 18.53 37.51 3.01
C CYS J 87 19.87 38.09 2.55
N GLU J 88 20.39 37.54 1.46
CA GLU J 88 21.66 37.99 0.91
C GLU J 88 21.63 37.95 -0.62
N PRO J 89 22.44 38.78 -1.27
CA PRO J 89 22.55 38.79 -2.73
C PRO J 89 22.83 37.41 -3.33
N ASP J 90 23.63 36.61 -2.63
CA ASP J 90 24.01 35.29 -3.11
C ASP J 90 22.78 34.39 -3.24
N ALA J 91 21.90 34.48 -2.26
CA ALA J 91 20.66 33.71 -2.27
C ALA J 91 19.69 34.20 -3.33
N LEU J 92 19.62 35.52 -3.49
CA LEU J 92 18.70 36.14 -4.43
C LEU J 92 19.08 35.78 -5.87
N PHE J 93 20.36 35.54 -6.08
CA PHE J 93 20.86 35.13 -7.39
C PHE J 93 20.42 33.71 -7.73
N SER J 94 20.33 32.87 -6.70
CA SER J 94 19.98 31.46 -6.90
C SER J 94 18.49 31.28 -7.14
N MET J 95 17.68 32.20 -6.64
CA MET J 95 16.24 32.15 -6.86
C MET J 95 15.89 32.61 -8.28
N ALA J 96 16.60 33.62 -8.75
CA ALA J 96 16.37 34.14 -10.09
C ALA J 96 16.92 33.18 -11.15
N PHE J 97 17.95 32.42 -10.79
CA PHE J 97 18.59 31.51 -11.73
C PHE J 97 18.88 30.15 -11.10
N PRO J 98 17.85 29.30 -10.99
CA PRO J 98 18.05 27.95 -10.44
C PRO J 98 18.60 26.97 -11.47
N ASP J 99 19.77 26.40 -11.18
CA ASP J 99 20.38 25.42 -12.07
C ASP J 99 21.50 24.66 -11.36
N LEU M 6 -10.48 -1.94 -28.92
CA LEU M 6 -9.46 -1.40 -28.04
C LEU M 6 -8.16 -2.19 -28.13
N GLN M 7 -7.04 -1.48 -28.17
CA GLN M 7 -5.73 -2.12 -28.10
C GLN M 7 -5.44 -2.48 -26.64
N LEU M 8 -4.41 -3.31 -26.43
CA LEU M 8 -4.09 -3.79 -25.10
C LEU M 8 -3.77 -2.67 -24.11
N TRP M 9 -2.98 -1.69 -24.54
CA TRP M 9 -2.57 -0.63 -23.63
C TRP M 9 -3.75 0.27 -23.26
N GLN M 10 -4.68 0.45 -24.20
CA GLN M 10 -5.90 1.22 -23.91
C GLN M 10 -6.75 0.52 -22.87
N PHE M 11 -6.89 -0.80 -23.03
CA PHE M 11 -7.65 -1.62 -22.10
C PHE M 11 -7.04 -1.61 -20.71
N LEU M 12 -5.71 -1.69 -20.66
CA LEU M 12 -4.98 -1.62 -19.40
C LEU M 12 -5.24 -0.29 -18.69
N VAL M 13 -5.09 0.80 -19.42
CA VAL M 13 -5.34 2.13 -18.89
C VAL M 13 -6.76 2.27 -18.37
N ALA M 14 -7.72 1.68 -19.08
CA ALA M 14 -9.11 1.67 -18.65
C ALA M 14 -9.26 0.99 -17.29
N LEU M 15 -8.62 -0.16 -17.13
CA LEU M 15 -8.62 -0.86 -15.86
C LEU M 15 -7.87 -0.09 -14.78
N LEU M 16 -6.76 0.51 -15.17
CA LEU M 16 -5.91 1.25 -14.24
C LEU M 16 -6.58 2.50 -13.70
N ASP M 17 -7.60 2.98 -14.40
CA ASP M 17 -8.31 4.20 -14.01
C ASP M 17 -9.58 3.88 -13.23
N ASP M 18 -9.56 2.76 -12.48
CA ASP M 18 -10.69 2.36 -11.67
C ASP M 18 -10.22 1.76 -10.35
N PRO M 19 -10.54 2.44 -9.23
CA PRO M 19 -10.14 2.02 -7.89
C PRO M 19 -10.76 0.69 -7.47
N THR M 20 -11.87 0.31 -8.09
CA THR M 20 -12.53 -0.96 -7.77
C THR M 20 -11.71 -2.14 -8.29
N ASN M 21 -10.83 -1.87 -9.24
CA ASN M 21 -9.97 -2.90 -9.81
C ASN M 21 -8.60 -2.94 -9.16
N ALA M 22 -8.44 -2.19 -8.08
CA ALA M 22 -7.13 -2.00 -7.46
C ALA M 22 -6.61 -3.23 -6.71
N HIS M 23 -7.38 -4.31 -6.72
CA HIS M 23 -6.98 -5.53 -6.03
C HIS M 23 -6.31 -6.51 -7.00
N PHE M 24 -6.29 -6.19 -8.28
CA PHE M 24 -5.59 -7.02 -9.25
C PHE M 24 -4.81 -6.21 -10.28
N ILE M 25 -5.05 -4.90 -10.32
CA ILE M 25 -4.25 -4.01 -11.17
C ILE M 25 -4.35 -2.57 -10.67
N ALA M 26 -3.21 -1.87 -10.66
CA ALA M 26 -3.16 -0.50 -10.18
C ALA M 26 -1.87 0.20 -10.57
N TRP M 27 -1.91 1.54 -10.60
CA TRP M 27 -0.70 2.33 -10.75
C TRP M 27 0.12 2.25 -9.47
N THR M 28 1.44 2.28 -9.61
CA THR M 28 2.32 2.22 -8.43
C THR M 28 2.52 3.61 -7.82
N GLY M 29 2.57 4.62 -8.68
CA GLY M 29 2.80 5.99 -8.24
C GLY M 29 4.09 6.55 -8.80
N ARG M 30 5.08 5.68 -8.96
CA ARG M 30 6.37 6.07 -9.53
C ARG M 30 6.27 6.29 -11.02
N GLY M 31 5.75 7.45 -11.42
CA GLY M 31 5.60 7.77 -12.83
C GLY M 31 4.49 6.98 -13.49
N MET M 32 4.80 6.37 -14.63
CA MET M 32 3.82 5.56 -15.35
C MET M 32 3.99 4.08 -15.02
N GLU M 33 4.70 3.79 -13.95
CA GLU M 33 4.91 2.42 -13.52
C GLU M 33 3.62 1.83 -12.97
N PHE M 34 3.26 0.64 -13.46
CA PHE M 34 2.04 -0.03 -13.01
C PHE M 34 2.32 -1.51 -12.73
N LYS M 35 1.47 -2.12 -11.90
CA LYS M 35 1.65 -3.51 -11.52
C LYS M 35 0.40 -4.34 -11.76
N LEU M 36 0.58 -5.51 -12.38
CA LEU M 36 -0.51 -6.47 -12.55
C LEU M 36 -0.53 -7.40 -11.34
N ILE M 37 -1.23 -6.97 -10.29
CA ILE M 37 -1.26 -7.69 -9.02
C ILE M 37 -1.75 -9.12 -9.19
N GLU M 38 -2.78 -9.31 -10.01
CA GLU M 38 -3.29 -10.64 -10.32
C GLU M 38 -3.41 -10.80 -11.83
N PRO M 39 -2.31 -11.20 -12.48
CA PRO M 39 -2.15 -11.29 -13.93
C PRO M 39 -3.24 -12.10 -14.64
N GLU M 40 -3.55 -13.29 -14.13
CA GLU M 40 -4.52 -14.16 -14.76
C GLU M 40 -5.93 -13.56 -14.72
N GLU M 41 -6.17 -12.67 -13.76
CA GLU M 41 -7.44 -11.96 -13.70
C GLU M 41 -7.46 -10.86 -14.75
N VAL M 42 -6.32 -10.19 -14.93
CA VAL M 42 -6.19 -9.17 -15.97
C VAL M 42 -6.30 -9.82 -17.35
N ALA M 43 -5.69 -10.99 -17.49
CA ALA M 43 -5.75 -11.74 -18.75
C ALA M 43 -7.17 -12.21 -19.06
N ARG M 44 -7.88 -12.67 -18.05
CA ARG M 44 -9.24 -13.13 -18.21
C ARG M 44 -10.14 -12.02 -18.74
N LEU M 45 -9.97 -10.82 -18.20
CA LEU M 45 -10.75 -9.67 -18.64
C LEU M 45 -10.36 -9.25 -20.05
N TRP M 46 -9.07 -9.37 -20.35
CA TRP M 46 -8.56 -9.02 -21.67
C TRP M 46 -9.06 -10.02 -22.71
N GLY M 47 -9.25 -11.27 -22.30
CA GLY M 47 -9.78 -12.29 -23.18
C GLY M 47 -11.25 -12.05 -23.49
N ILE M 48 -11.99 -11.54 -22.50
CA ILE M 48 -13.38 -11.20 -22.70
C ILE M 48 -13.50 -10.01 -23.64
N GLN M 49 -12.56 -9.07 -23.53
CA GLN M 49 -12.52 -7.89 -24.38
C GLN M 49 -12.38 -8.25 -25.85
N LYS M 50 -11.35 -9.04 -26.17
CA LYS M 50 -11.08 -9.41 -27.55
C LYS M 50 -11.88 -10.63 -28.00
N ASN M 51 -12.84 -11.03 -27.17
CA ASN M 51 -13.72 -12.16 -27.46
C ASN M 51 -12.97 -13.46 -27.72
N ARG M 52 -11.75 -13.56 -27.19
CA ARG M 52 -10.94 -14.77 -27.30
C ARG M 52 -10.77 -15.41 -25.93
N PRO M 53 -11.45 -16.54 -25.69
CA PRO M 53 -11.57 -17.16 -24.37
C PRO M 53 -10.31 -17.87 -23.88
N ALA M 54 -9.37 -18.15 -24.76
CA ALA M 54 -8.20 -18.96 -24.40
C ALA M 54 -7.10 -18.14 -23.72
N MET M 55 -7.37 -16.86 -23.49
CA MET M 55 -6.36 -15.93 -23.02
C MET M 55 -5.80 -16.26 -21.63
N ASN M 56 -4.48 -16.17 -21.50
CA ASN M 56 -3.79 -16.29 -20.23
C ASN M 56 -2.71 -15.23 -20.09
N TYR M 57 -1.98 -15.25 -18.98
CA TYR M 57 -0.96 -14.24 -18.74
C TYR M 57 0.26 -14.43 -19.63
N ASP M 58 0.59 -15.67 -19.94
CA ASP M 58 1.75 -15.98 -20.77
C ASP M 58 1.61 -15.35 -22.15
N LYS M 59 0.39 -15.29 -22.65
CA LYS M 59 0.13 -14.73 -23.97
C LYS M 59 -0.05 -13.22 -23.91
N LEU M 60 -0.51 -12.72 -22.76
CA LEU M 60 -0.68 -11.28 -22.56
C LEU M 60 0.68 -10.62 -22.34
N SER M 61 1.53 -11.27 -21.56
CA SER M 61 2.86 -10.75 -21.27
C SER M 61 3.70 -10.67 -22.54
N ARG M 62 3.44 -11.58 -23.47
CA ARG M 62 4.15 -11.58 -24.75
C ARG M 62 3.81 -10.34 -25.56
N SER M 63 2.55 -9.94 -25.51
CA SER M 63 2.11 -8.72 -26.17
C SER M 63 2.74 -7.50 -25.51
N LEU M 64 3.00 -7.61 -24.22
CA LEU M 64 3.70 -6.56 -23.48
C LEU M 64 5.17 -6.53 -23.91
N ARG M 65 5.72 -7.69 -24.23
CA ARG M 65 7.09 -7.78 -24.73
C ARG M 65 7.14 -7.32 -26.18
N TYR M 66 6.01 -7.41 -26.86
CA TYR M 66 5.88 -6.85 -28.21
C TYR M 66 5.93 -5.34 -28.13
N TYR M 67 5.43 -4.79 -27.02
CA TYR M 67 5.45 -3.35 -26.80
C TYR M 67 6.87 -2.85 -26.54
N TYR M 68 7.79 -3.76 -26.23
CA TYR M 68 9.18 -3.39 -26.06
C TYR M 68 9.76 -2.98 -27.41
N GLU M 69 9.39 -3.70 -28.45
CA GLU M 69 9.84 -3.41 -29.81
C GLU M 69 9.29 -2.09 -30.30
N LYS M 70 8.07 -1.78 -29.89
CA LYS M 70 7.42 -0.53 -30.29
C LYS M 70 7.90 0.62 -29.40
N GLY M 71 8.48 0.27 -28.26
CA GLY M 71 9.12 1.23 -27.39
C GLY M 71 8.19 2.05 -26.52
N ILE M 72 7.01 1.51 -26.22
CA ILE M 72 6.07 2.22 -25.35
C ILE M 72 6.04 1.62 -23.95
N MET M 73 6.75 0.53 -23.75
CA MET M 73 6.83 -0.11 -22.44
C MET M 73 8.22 -0.63 -22.11
N GLN M 74 8.48 -0.83 -20.82
CA GLN M 74 9.71 -1.43 -20.36
C GLN M 74 9.42 -2.37 -19.19
N LYS M 75 10.34 -3.30 -18.94
CA LYS M 75 10.21 -4.19 -17.81
C LYS M 75 11.01 -3.70 -16.62
N VAL M 76 10.33 -3.27 -15.57
CA VAL M 76 10.99 -2.89 -14.34
C VAL M 76 11.66 -4.11 -13.72
N ALA M 77 12.97 -4.25 -13.97
CA ALA M 77 13.72 -5.44 -13.57
C ALA M 77 13.68 -5.66 -12.06
N GLY M 78 13.51 -6.93 -11.67
CA GLY M 78 13.44 -7.29 -10.27
C GLY M 78 12.02 -7.32 -9.76
N GLU M 79 11.28 -6.26 -10.01
CA GLU M 79 9.91 -6.15 -9.53
C GLU M 79 8.97 -7.05 -10.34
N ARG M 80 8.43 -8.07 -9.67
CA ARG M 80 7.56 -9.05 -10.33
C ARG M 80 6.23 -8.43 -10.72
N TYR M 81 5.76 -8.77 -11.93
CA TYR M 81 4.48 -8.31 -12.47
C TYR M 81 4.41 -6.80 -12.65
N VAL M 82 5.56 -6.15 -12.76
CA VAL M 82 5.59 -4.69 -12.82
C VAL M 82 6.15 -4.18 -14.15
N TYR M 83 5.40 -3.29 -14.79
CA TYR M 83 5.80 -2.67 -16.05
C TYR M 83 5.66 -1.16 -15.96
N LYS M 84 6.17 -0.46 -16.97
CA LYS M 84 6.07 1.00 -17.02
C LYS M 84 5.96 1.51 -18.44
N PHE M 85 5.19 2.57 -18.65
CA PHE M 85 5.11 3.22 -19.94
C PHE M 85 6.33 4.11 -20.16
N VAL M 86 6.80 4.17 -21.40
CA VAL M 86 8.00 4.94 -21.72
C VAL M 86 7.67 6.42 -21.93
N CYS M 87 8.39 7.29 -21.23
CA CYS M 87 8.21 8.72 -21.35
C CYS M 87 9.16 9.32 -22.37
N GLU M 88 8.96 8.99 -23.64
CA GLU M 88 9.83 9.49 -24.72
C GLU M 88 9.05 9.73 -26.00
N PRO M 89 9.53 10.65 -26.84
CA PRO M 89 8.87 10.96 -28.12
C PRO M 89 8.71 9.73 -29.02
N ASP M 90 9.66 8.80 -28.94
CA ASP M 90 9.61 7.61 -29.77
C ASP M 90 8.40 6.75 -29.43
N ALA M 91 8.02 6.74 -28.15
CA ALA M 91 6.87 5.99 -27.68
C ALA M 91 5.57 6.62 -28.14
N LEU M 92 5.53 7.95 -28.14
CA LEU M 92 4.33 8.69 -28.49
C LEU M 92 3.96 8.51 -29.96
N PHE M 93 4.96 8.21 -30.78
CA PHE M 93 4.73 7.98 -32.20
C PHE M 93 4.07 6.63 -32.43
N SER M 94 4.50 5.62 -31.67
CA SER M 94 3.95 4.27 -31.81
C SER M 94 2.49 4.21 -31.37
N MET M 95 2.16 4.93 -30.29
CA MET M 95 0.79 4.97 -29.82
C MET M 95 -0.10 5.75 -30.80
N ALA M 96 0.47 6.77 -31.42
CA ALA M 96 -0.24 7.55 -32.41
C ALA M 96 -0.38 6.75 -33.71
N PHE M 97 0.70 6.08 -34.10
CA PHE M 97 0.70 5.30 -35.33
C PHE M 97 1.21 3.88 -35.11
N PRO M 98 0.31 2.97 -34.73
CA PRO M 98 0.64 1.54 -34.65
C PRO M 98 0.63 0.88 -36.02
N ASP M 99 1.79 0.79 -36.65
CA ASP M 99 1.91 0.23 -37.99
C ASP M 99 1.72 -1.28 -37.97
N GLY P 4 -5.37 -37.39 23.10
CA GLY P 4 -5.98 -36.29 22.38
C GLY P 4 -7.42 -36.59 22.03
N ALA P 5 -8.06 -35.67 21.31
CA ALA P 5 -9.44 -35.86 20.91
C ALA P 5 -9.54 -36.29 19.46
N LEU P 6 -9.82 -37.58 19.24
CA LEU P 6 -9.86 -38.13 17.89
C LEU P 6 -11.27 -38.47 17.43
N GLN P 7 -11.52 -38.28 16.14
CA GLN P 7 -12.74 -38.78 15.53
C GLN P 7 -12.51 -40.25 15.20
N LEU P 8 -13.57 -40.95 14.81
CA LEU P 8 -13.46 -42.38 14.56
C LEU P 8 -12.47 -42.70 13.44
N TRP P 9 -12.54 -41.94 12.34
CA TRP P 9 -11.69 -42.21 11.20
C TRP P 9 -10.22 -41.88 11.52
N GLN P 10 -10.01 -40.88 12.37
CA GLN P 10 -8.66 -40.51 12.80
C GLN P 10 -8.05 -41.60 13.67
N PHE P 11 -8.90 -42.26 14.45
CA PHE P 11 -8.45 -43.33 15.34
C PHE P 11 -8.12 -44.59 14.55
N LEU P 12 -8.91 -44.90 13.54
CA LEU P 12 -8.68 -46.06 12.69
C LEU P 12 -7.35 -45.94 11.95
N VAL P 13 -7.06 -44.75 11.45
CA VAL P 13 -5.81 -44.50 10.73
C VAL P 13 -4.61 -44.68 11.66
N ALA P 14 -4.77 -44.25 12.90
CA ALA P 14 -3.72 -44.40 13.90
C ALA P 14 -3.34 -45.86 14.10
N LEU P 15 -4.35 -46.73 14.13
CA LEU P 15 -4.13 -48.16 14.25
C LEU P 15 -3.63 -48.76 12.94
N LEU P 16 -4.15 -48.24 11.83
CA LEU P 16 -3.81 -48.74 10.51
C LEU P 16 -2.36 -48.45 10.13
N ASP P 17 -1.85 -47.31 10.58
CA ASP P 17 -0.49 -46.91 10.25
C ASP P 17 0.54 -47.74 11.01
N ASP P 18 0.21 -48.08 12.25
CA ASP P 18 1.10 -48.86 13.10
C ASP P 18 0.95 -50.35 12.83
N PRO P 19 2.02 -51.00 12.35
CA PRO P 19 2.00 -52.42 11.98
C PRO P 19 1.95 -53.36 13.19
N THR P 20 1.96 -52.83 14.40
CA THR P 20 1.85 -53.65 15.59
C THR P 20 0.39 -54.00 15.86
N ASN P 21 -0.51 -53.35 15.13
CA ASN P 21 -1.94 -53.62 15.23
C ASN P 21 -2.43 -54.43 14.04
N ALA P 22 -1.48 -54.94 13.26
CA ALA P 22 -1.80 -55.61 12.00
C ALA P 22 -2.46 -56.96 12.18
N HIS P 23 -2.48 -57.47 13.41
CA HIS P 23 -3.06 -58.78 13.67
C HIS P 23 -4.56 -58.69 13.93
N PHE P 24 -5.14 -57.50 13.78
CA PHE P 24 -6.58 -57.34 13.90
C PHE P 24 -7.12 -56.20 13.04
N ILE P 25 -6.23 -55.43 12.43
CA ILE P 25 -6.61 -54.38 11.50
C ILE P 25 -5.43 -53.93 10.64
N ALA P 26 -5.62 -53.87 9.33
CA ALA P 26 -4.55 -53.48 8.41
C ALA P 26 -5.10 -53.08 7.05
N TRP P 27 -4.27 -52.37 6.28
CA TRP P 27 -4.62 -52.02 4.91
C TRP P 27 -4.52 -53.25 4.02
N THR P 28 -5.52 -53.45 3.17
CA THR P 28 -5.53 -54.60 2.27
C THR P 28 -4.47 -54.46 1.19
N GLY P 29 -4.04 -53.22 0.93
CA GLY P 29 -3.06 -52.96 -0.10
C GLY P 29 -3.72 -52.50 -1.40
N ARG P 30 -4.97 -52.90 -1.59
CA ARG P 30 -5.72 -52.54 -2.78
C ARG P 30 -6.34 -51.15 -2.61
N GLY P 31 -5.56 -50.11 -2.93
CA GLY P 31 -6.03 -48.75 -2.84
C GLY P 31 -6.11 -48.23 -1.43
N MET P 32 -7.32 -47.92 -0.98
CA MET P 32 -7.55 -47.37 0.35
C MET P 32 -8.43 -48.28 1.20
N GLU P 33 -8.54 -49.54 0.79
CA GLU P 33 -9.36 -50.51 1.50
C GLU P 33 -8.66 -50.97 2.78
N PHE P 34 -9.43 -51.18 3.83
CA PHE P 34 -8.89 -51.72 5.08
C PHE P 34 -9.85 -52.76 5.65
N LYS P 35 -9.29 -53.80 6.24
CA LYS P 35 -10.08 -54.90 6.78
C LYS P 35 -10.01 -54.92 8.31
N LEU P 36 -11.16 -55.10 8.93
CA LEU P 36 -11.22 -55.27 10.38
C LEU P 36 -11.17 -56.76 10.70
N ILE P 37 -9.95 -57.29 10.81
CA ILE P 37 -9.73 -58.72 11.02
C ILE P 37 -10.42 -59.22 12.29
N GLU P 38 -10.25 -58.48 13.38
CA GLU P 38 -10.96 -58.79 14.62
C GLU P 38 -11.82 -57.59 15.02
N PRO P 39 -13.04 -57.52 14.49
CA PRO P 39 -13.98 -56.41 14.66
C PRO P 39 -14.23 -56.04 16.12
N GLU P 40 -14.43 -57.04 16.98
CA GLU P 40 -14.73 -56.78 18.38
C GLU P 40 -13.52 -56.23 19.12
N GLU P 41 -12.32 -56.65 18.70
CA GLU P 41 -11.09 -56.14 19.30
C GLU P 41 -10.90 -54.66 18.98
N VAL P 42 -11.12 -54.31 17.73
CA VAL P 42 -11.04 -52.92 17.28
C VAL P 42 -12.06 -52.06 18.03
N ALA P 43 -13.27 -52.58 18.15
CA ALA P 43 -14.36 -51.87 18.80
C ALA P 43 -14.07 -51.62 20.28
N ARG P 44 -13.39 -52.57 20.91
CA ARG P 44 -13.04 -52.43 22.33
C ARG P 44 -12.02 -51.32 22.53
N LEU P 45 -11.00 -51.31 21.68
CA LEU P 45 -9.98 -50.28 21.72
C LEU P 45 -10.59 -48.90 21.43
N TRP P 46 -11.62 -48.89 20.60
CA TRP P 46 -12.35 -47.67 20.30
C TRP P 46 -13.21 -47.25 21.50
N GLY P 47 -13.70 -48.25 22.24
CA GLY P 47 -14.48 -47.98 23.43
C GLY P 47 -13.63 -47.39 24.53
N ILE P 48 -12.34 -47.72 24.52
CA ILE P 48 -11.39 -47.17 25.47
C ILE P 48 -11.11 -45.70 25.16
N GLN P 49 -10.99 -45.40 23.87
CA GLN P 49 -10.71 -44.03 23.41
C GLN P 49 -11.80 -43.05 23.81
N LYS P 50 -13.04 -43.36 23.42
CA LYS P 50 -14.18 -42.50 23.74
C LYS P 50 -14.72 -42.77 25.14
N ASN P 51 -14.01 -43.60 25.89
CA ASN P 51 -14.39 -43.96 27.26
C ASN P 51 -15.81 -44.53 27.34
N ARG P 52 -16.10 -45.49 26.46
CA ARG P 52 -17.38 -46.19 26.47
C ARG P 52 -17.17 -47.65 26.86
N PRO P 53 -17.82 -48.09 27.94
CA PRO P 53 -17.62 -49.46 28.45
C PRO P 53 -18.08 -50.55 27.50
N ALA P 54 -19.33 -50.45 27.02
CA ALA P 54 -19.91 -51.52 26.21
C ALA P 54 -20.01 -51.15 24.73
N MET P 55 -18.88 -50.75 24.15
CA MET P 55 -18.84 -50.45 22.71
C MET P 55 -18.50 -51.70 21.92
N ASN P 56 -19.41 -52.10 21.03
CA ASN P 56 -19.20 -53.29 20.20
C ASN P 56 -19.09 -52.94 18.73
N TYR P 57 -19.03 -53.97 17.88
CA TYR P 57 -18.91 -53.76 16.44
C TYR P 57 -20.22 -53.32 15.82
N ASP P 58 -21.33 -53.74 16.42
CA ASP P 58 -22.65 -53.37 15.93
C ASP P 58 -22.85 -51.86 15.94
N LYS P 59 -22.37 -51.22 17.01
CA LYS P 59 -22.50 -49.77 17.14
C LYS P 59 -21.37 -49.03 16.43
N LEU P 60 -20.24 -49.71 16.27
CA LEU P 60 -19.10 -49.12 15.57
C LEU P 60 -19.36 -49.12 14.05
N SER P 61 -19.98 -50.18 13.55
CA SER P 61 -20.30 -50.27 12.13
C SER P 61 -21.37 -49.27 11.75
N ARG P 62 -22.18 -48.87 12.73
CA ARG P 62 -23.22 -47.87 12.51
C ARG P 62 -22.58 -46.51 12.25
N SER P 63 -21.51 -46.21 12.97
CA SER P 63 -20.79 -44.97 12.79
C SER P 63 -20.07 -44.97 11.44
N LEU P 64 -19.62 -46.14 11.02
CA LEU P 64 -18.99 -46.29 9.72
C LEU P 64 -20.04 -46.13 8.62
N ARG P 65 -21.26 -46.59 8.89
CA ARG P 65 -22.37 -46.40 7.98
C ARG P 65 -22.79 -44.94 7.98
N TYR P 66 -22.57 -44.27 9.10
CA TYR P 66 -22.82 -42.84 9.19
C TYR P 66 -21.84 -42.08 8.30
N TYR P 67 -20.66 -42.66 8.12
CA TYR P 67 -19.63 -42.07 7.27
C TYR P 67 -20.01 -42.13 5.80
N TYR P 68 -20.93 -43.02 5.45
CA TYR P 68 -21.40 -43.12 4.07
C TYR P 68 -22.11 -41.83 3.65
N GLU P 69 -22.91 -41.29 4.57
CA GLU P 69 -23.64 -40.06 4.32
C GLU P 69 -22.70 -38.86 4.29
N LYS P 70 -21.67 -38.91 5.13
CA LYS P 70 -20.65 -37.87 5.12
C LYS P 70 -19.81 -38.01 3.85
N GLY P 71 -19.81 -39.21 3.28
CA GLY P 71 -19.19 -39.46 1.99
C GLY P 71 -17.74 -39.90 2.03
N ILE P 72 -17.18 -40.00 3.23
CA ILE P 72 -15.76 -40.32 3.37
C ILE P 72 -15.49 -41.83 3.32
N MET P 73 -16.54 -42.63 3.41
CA MET P 73 -16.38 -44.09 3.40
C MET P 73 -17.40 -44.82 2.53
N GLN P 74 -17.03 -46.02 2.11
CA GLN P 74 -17.93 -46.91 1.39
C GLN P 74 -17.71 -48.33 1.88
N LYS P 75 -18.71 -49.18 1.69
CA LYS P 75 -18.59 -50.59 2.01
C LYS P 75 -18.12 -51.38 0.80
N VAL P 76 -17.09 -52.20 0.99
CA VAL P 76 -16.62 -53.08 -0.08
C VAL P 76 -17.51 -54.31 -0.14
N ALA P 77 -18.47 -54.30 -1.05
CA ALA P 77 -19.46 -55.36 -1.15
C ALA P 77 -18.83 -56.72 -1.46
N GLY P 78 -19.20 -57.72 -0.67
CA GLY P 78 -18.71 -59.07 -0.87
C GLY P 78 -17.67 -59.48 0.15
N GLU P 79 -16.70 -58.60 0.39
CA GLU P 79 -15.62 -58.89 1.33
C GLU P 79 -16.03 -58.54 2.76
N ARG P 80 -15.87 -59.50 3.66
CA ARG P 80 -16.35 -59.38 5.03
C ARG P 80 -15.43 -58.51 5.89
N TYR P 81 -16.04 -57.60 6.66
CA TYR P 81 -15.33 -56.67 7.54
C TYR P 81 -14.38 -55.75 6.78
N VAL P 82 -14.69 -55.48 5.52
CA VAL P 82 -13.81 -54.65 4.69
C VAL P 82 -14.47 -53.33 4.29
N TYR P 83 -13.84 -52.23 4.65
CA TYR P 83 -14.31 -50.91 4.30
C TYR P 83 -13.27 -50.19 3.44
N LYS P 84 -13.66 -49.08 2.83
CA LYS P 84 -12.75 -48.30 2.01
C LYS P 84 -12.97 -46.81 2.18
N PHE P 85 -11.87 -46.05 2.21
CA PHE P 85 -11.96 -44.60 2.22
C PHE P 85 -12.24 -44.10 0.81
N VAL P 86 -12.95 -42.98 0.71
CA VAL P 86 -13.32 -42.42 -0.59
C VAL P 86 -12.39 -41.28 -0.99
N CYS P 87 -11.78 -41.40 -2.16
CA CYS P 87 -10.92 -40.34 -2.68
C CYS P 87 -11.69 -39.44 -3.64
N GLU P 88 -12.53 -38.58 -3.07
CA GLU P 88 -13.32 -37.65 -3.85
C GLU P 88 -13.36 -36.29 -3.19
N PRO P 89 -13.55 -35.23 -3.98
CA PRO P 89 -13.68 -33.87 -3.43
C PRO P 89 -14.79 -33.77 -2.38
N ASP P 90 -15.85 -34.53 -2.57
CA ASP P 90 -16.96 -34.53 -1.62
C ASP P 90 -16.51 -35.10 -0.27
N ALA P 91 -15.73 -36.17 -0.32
CA ALA P 91 -15.21 -36.81 0.89
C ALA P 91 -14.12 -35.96 1.55
N LEU P 92 -13.33 -35.27 0.72
CA LEU P 92 -12.23 -34.46 1.22
C LEU P 92 -12.76 -33.25 1.98
N PHE P 93 -13.97 -32.83 1.62
CA PHE P 93 -14.60 -31.69 2.26
C PHE P 93 -15.07 -32.04 3.68
N SER P 94 -15.71 -33.21 3.82
CA SER P 94 -16.27 -33.62 5.10
C SER P 94 -15.21 -33.87 6.17
N MET P 95 -13.96 -34.07 5.75
CA MET P 95 -12.88 -34.29 6.70
C MET P 95 -12.30 -32.97 7.18
N ALA P 96 -12.15 -32.03 6.25
CA ALA P 96 -11.69 -30.69 6.59
C ALA P 96 -12.77 -29.98 7.40
N PHE P 97 -14.02 -30.26 7.08
CA PHE P 97 -15.16 -29.64 7.75
C PHE P 97 -16.22 -30.68 8.11
N PRO P 98 -16.07 -31.34 9.26
CA PRO P 98 -17.08 -32.30 9.74
C PRO P 98 -18.38 -31.59 10.17
N ASP P 99 -18.32 -30.27 10.27
CA ASP P 99 -19.44 -29.45 10.72
C ASP P 99 -19.92 -29.89 12.11
N ALA S 5 -10.50 10.17 -38.24
CA ALA S 5 -9.81 11.43 -38.51
C ALA S 5 -8.63 11.60 -37.56
N LEU S 6 -7.52 12.13 -38.09
CA LEU S 6 -6.34 12.38 -37.28
C LEU S 6 -6.59 13.44 -36.22
N GLN S 7 -6.20 13.13 -34.98
CA GLN S 7 -6.24 14.12 -33.92
C GLN S 7 -5.03 15.03 -34.05
N LEU S 8 -5.13 16.24 -33.50
CA LEU S 8 -4.06 17.23 -33.65
C LEU S 8 -2.73 16.73 -33.10
N TRP S 9 -2.77 16.04 -31.97
CA TRP S 9 -1.54 15.54 -31.36
C TRP S 9 -0.91 14.45 -32.21
N GLN S 10 -1.74 13.69 -32.91
CA GLN S 10 -1.23 12.67 -33.83
C GLN S 10 -0.52 13.33 -35.01
N PHE S 11 -1.07 14.46 -35.44
CA PHE S 11 -0.52 15.21 -36.58
C PHE S 11 0.80 15.87 -36.23
N LEU S 12 0.92 16.38 -35.02
CA LEU S 12 2.14 17.05 -34.56
C LEU S 12 3.29 16.07 -34.43
N VAL S 13 3.02 14.91 -33.83
CA VAL S 13 4.04 13.88 -33.65
C VAL S 13 4.55 13.36 -34.99
N ALA S 14 3.63 13.23 -35.94
CA ALA S 14 3.98 12.77 -37.29
C ALA S 14 5.00 13.71 -37.93
N LEU S 15 4.78 15.02 -37.80
CA LEU S 15 5.72 16.01 -38.30
C LEU S 15 7.02 15.99 -37.51
N LEU S 16 6.92 15.67 -36.23
CA LEU S 16 8.06 15.67 -35.34
C LEU S 16 8.96 14.45 -35.52
N ASP S 17 8.47 13.47 -36.28
CA ASP S 17 9.21 12.22 -36.47
C ASP S 17 10.06 12.25 -37.74
N ASP S 18 9.83 13.24 -38.59
CA ASP S 18 10.56 13.34 -39.85
C ASP S 18 11.51 14.54 -39.86
N PRO S 19 12.82 14.26 -39.93
CA PRO S 19 13.87 15.29 -39.93
C PRO S 19 13.80 16.26 -41.10
N THR S 20 13.05 15.90 -42.15
CA THR S 20 12.87 16.79 -43.30
C THR S 20 12.02 18.00 -42.91
N ASN S 21 11.33 17.88 -41.78
CA ASN S 21 10.45 18.93 -41.29
C ASN S 21 11.06 19.68 -40.11
N ALA S 22 12.32 19.38 -39.81
CA ALA S 22 12.98 19.91 -38.61
C ALA S 22 13.27 21.40 -38.68
N HIS S 23 12.98 22.03 -39.82
CA HIS S 23 13.25 23.44 -39.99
C HIS S 23 12.06 24.31 -39.61
N PHE S 24 10.88 23.71 -39.47
CA PHE S 24 9.71 24.47 -39.03
C PHE S 24 9.03 23.83 -37.82
N ILE S 25 9.48 22.64 -37.46
CA ILE S 25 9.03 21.98 -36.23
C ILE S 25 9.98 20.85 -35.83
N ALA S 26 10.40 20.84 -34.57
CA ALA S 26 11.34 19.85 -34.09
C ALA S 26 11.33 19.72 -32.57
N TRP S 27 11.73 18.57 -32.07
CA TRP S 27 11.89 18.36 -30.63
C TRP S 27 13.07 19.18 -30.12
N THR S 28 13.00 19.60 -28.87
CA THR S 28 14.08 20.40 -28.28
C THR S 28 15.18 19.52 -27.71
N GLY S 29 14.80 18.35 -27.22
CA GLY S 29 15.76 17.42 -26.64
C GLY S 29 15.53 17.23 -25.15
N ARG S 30 14.95 18.23 -24.51
CA ARG S 30 14.66 18.17 -23.08
C ARG S 30 13.34 17.45 -22.82
N GLY S 31 13.40 16.12 -22.79
CA GLY S 31 12.22 15.31 -22.59
C GLY S 31 11.28 15.38 -23.78
N MET S 32 9.98 15.32 -23.52
CA MET S 32 8.99 15.41 -24.57
C MET S 32 8.57 16.86 -24.81
N GLU S 33 9.57 17.70 -25.07
CA GLU S 33 9.35 19.12 -25.33
C GLU S 33 9.63 19.44 -26.79
N PHE S 34 8.73 20.19 -27.43
CA PHE S 34 8.88 20.53 -28.84
C PHE S 34 8.62 22.00 -29.12
N LYS S 35 9.18 22.49 -30.22
CA LYS S 35 9.03 23.89 -30.58
C LYS S 35 8.47 24.05 -32.00
N LEU S 36 7.45 24.88 -32.14
CA LEU S 36 6.91 25.22 -33.45
C LEU S 36 7.72 26.35 -34.06
N ILE S 37 8.78 26.00 -34.77
CA ILE S 37 9.69 26.99 -35.34
C ILE S 37 8.96 27.93 -36.31
N GLU S 38 8.20 27.36 -37.23
CA GLU S 38 7.31 28.14 -38.09
C GLU S 38 5.87 27.72 -37.84
N PRO S 39 5.22 28.37 -36.86
CA PRO S 39 3.86 28.03 -36.42
C PRO S 39 2.83 28.12 -37.54
N GLU S 40 2.90 29.15 -38.37
CA GLU S 40 1.92 29.34 -39.43
C GLU S 40 2.07 28.27 -40.52
N GLU S 41 3.28 27.73 -40.67
CA GLU S 41 3.52 26.67 -41.63
C GLU S 41 2.89 25.36 -41.14
N VAL S 42 2.95 25.15 -39.83
CA VAL S 42 2.32 23.98 -39.21
C VAL S 42 0.81 24.08 -39.32
N ALA S 43 0.28 25.30 -39.17
CA ALA S 43 -1.15 25.55 -39.28
C ALA S 43 -1.66 25.23 -40.69
N ARG S 44 -0.91 25.66 -41.69
CA ARG S 44 -1.29 25.43 -43.08
C ARG S 44 -1.36 23.94 -43.40
N LEU S 45 -0.36 23.19 -42.95
CA LEU S 45 -0.34 21.74 -43.12
C LEU S 45 -1.48 21.09 -42.36
N TRP S 46 -1.79 21.63 -41.19
CA TRP S 46 -2.90 21.15 -40.38
C TRP S 46 -4.23 21.52 -41.03
N GLY S 47 -4.26 22.66 -41.70
CA GLY S 47 -5.46 23.11 -42.41
C GLY S 47 -5.80 22.18 -43.57
N ILE S 48 -4.77 21.78 -44.32
CA ILE S 48 -4.94 20.84 -45.42
C ILE S 48 -5.36 19.48 -44.90
N GLN S 49 -4.80 19.10 -43.75
CA GLN S 49 -5.09 17.82 -43.11
C GLN S 49 -6.57 17.67 -42.76
N LYS S 50 -7.13 18.70 -42.12
CA LYS S 50 -8.53 18.67 -41.69
C LYS S 50 -9.45 19.37 -42.68
N ASN S 51 -8.93 19.68 -43.86
CA ASN S 51 -9.67 20.39 -44.90
C ASN S 51 -10.24 21.72 -44.41
N ARG S 52 -9.46 22.40 -43.57
CA ARG S 52 -9.85 23.70 -43.04
C ARG S 52 -8.94 24.78 -43.59
N PRO S 53 -9.31 25.39 -44.72
CA PRO S 53 -8.48 26.35 -45.44
C PRO S 53 -8.18 27.63 -44.65
N ALA S 54 -9.05 27.96 -43.69
CA ALA S 54 -8.89 29.19 -42.93
C ALA S 54 -8.03 29.01 -41.69
N MET S 55 -7.41 27.84 -41.56
CA MET S 55 -6.63 27.51 -40.37
C MET S 55 -5.38 28.38 -40.22
N ASN S 56 -5.25 29.00 -39.06
CA ASN S 56 -4.05 29.76 -38.71
C ASN S 56 -3.48 29.26 -37.39
N TYR S 57 -2.40 29.88 -36.92
CA TYR S 57 -1.78 29.47 -35.68
C TYR S 57 -2.61 29.88 -34.47
N ASP S 58 -3.36 30.96 -34.61
CA ASP S 58 -4.20 31.45 -33.52
C ASP S 58 -5.28 30.43 -33.16
N LYS S 59 -5.79 29.74 -34.18
CA LYS S 59 -6.83 28.74 -33.96
C LYS S 59 -6.23 27.36 -33.68
N LEU S 60 -5.04 27.11 -34.23
CA LEU S 60 -4.34 25.86 -33.97
C LEU S 60 -3.87 25.82 -32.52
N SER S 61 -3.36 26.95 -32.04
CA SER S 61 -2.88 27.05 -30.67
C SER S 61 -4.03 26.94 -29.68
N ARG S 62 -5.24 27.26 -30.14
CA ARG S 62 -6.43 27.15 -29.30
C ARG S 62 -6.70 25.70 -28.94
N SER S 63 -6.52 24.81 -29.91
CA SER S 63 -6.71 23.38 -29.69
C SER S 63 -5.59 22.83 -28.80
N LEU S 64 -4.44 23.49 -28.82
CA LEU S 64 -3.34 23.13 -27.93
C LEU S 64 -3.70 23.51 -26.50
N ARG S 65 -4.39 24.63 -26.35
CA ARG S 65 -4.86 25.06 -25.04
C ARG S 65 -5.99 24.16 -24.57
N TYR S 66 -6.72 23.58 -25.52
CA TYR S 66 -7.76 22.60 -25.22
C TYR S 66 -7.12 21.34 -24.62
N TYR S 67 -5.90 21.04 -25.06
CA TYR S 67 -5.18 19.88 -24.57
C TYR S 67 -4.71 20.06 -23.13
N TYR S 68 -4.70 21.30 -22.64
CA TYR S 68 -4.40 21.56 -21.24
C TYR S 68 -5.51 21.00 -20.38
N GLU S 69 -6.74 21.19 -20.84
CA GLU S 69 -7.93 20.75 -20.14
C GLU S 69 -8.10 19.24 -20.23
N LYS S 70 -7.45 18.64 -21.23
CA LYS S 70 -7.46 17.19 -21.37
C LYS S 70 -6.27 16.59 -20.62
N GLY S 71 -5.33 17.46 -20.22
CA GLY S 71 -4.22 17.06 -19.38
C GLY S 71 -3.06 16.39 -20.09
N ILE S 72 -3.01 16.51 -21.42
CA ILE S 72 -1.95 15.85 -22.18
C ILE S 72 -0.88 16.84 -22.65
N MET S 73 -1.09 18.12 -22.38
CA MET S 73 -0.16 19.16 -22.83
C MET S 73 0.06 20.24 -21.79
N GLN S 74 1.24 20.84 -21.83
CA GLN S 74 1.55 22.01 -21.01
C GLN S 74 2.32 23.03 -21.83
N LYS S 75 2.16 24.29 -21.46
CA LYS S 75 2.91 25.37 -22.13
C LYS S 75 4.21 25.64 -21.37
N VAL S 76 5.32 25.63 -22.09
CA VAL S 76 6.60 25.96 -21.50
C VAL S 76 6.70 27.47 -21.32
N ALA S 77 6.61 27.91 -20.07
CA ALA S 77 6.54 29.34 -19.74
C ALA S 77 7.75 30.11 -20.24
N GLY S 78 7.50 31.25 -20.88
CA GLY S 78 8.55 32.13 -21.33
C GLY S 78 9.09 31.78 -22.70
N GLU S 79 8.89 30.54 -23.12
CA GLU S 79 9.43 30.07 -24.40
C GLU S 79 8.36 30.12 -25.50
N ARG S 80 8.57 31.01 -26.46
CA ARG S 80 7.62 31.21 -27.55
C ARG S 80 7.53 30.00 -28.46
N TYR S 81 6.29 29.61 -28.77
CA TYR S 81 6.00 28.48 -29.66
C TYR S 81 6.56 27.16 -29.15
N VAL S 82 6.74 27.05 -27.84
CA VAL S 82 7.28 25.82 -27.24
C VAL S 82 6.29 25.17 -26.29
N TYR S 83 6.00 23.90 -26.55
CA TYR S 83 5.08 23.13 -25.72
C TYR S 83 5.73 21.84 -25.25
N LYS S 84 5.00 21.07 -24.43
CA LYS S 84 5.49 19.77 -23.98
C LYS S 84 4.33 18.82 -23.69
N PHE S 85 4.58 17.53 -23.85
CA PHE S 85 3.60 16.50 -23.53
C PHE S 85 3.75 16.08 -22.06
N VAL S 86 2.65 15.57 -21.48
CA VAL S 86 2.65 15.20 -20.08
C VAL S 86 2.78 13.68 -19.89
N CYS S 87 3.70 13.27 -19.02
CA CYS S 87 3.88 11.87 -18.71
C CYS S 87 3.22 11.49 -17.39
N GLU S 88 1.89 11.45 -17.40
CA GLU S 88 1.12 11.04 -16.24
C GLU S 88 -0.01 10.10 -16.67
N PRO S 89 -0.41 9.19 -15.77
CA PRO S 89 -1.54 8.28 -16.02
C PRO S 89 -2.80 9.00 -16.48
N ASP S 90 -3.02 10.20 -15.95
CA ASP S 90 -4.18 11.01 -16.30
C ASP S 90 -4.15 11.45 -17.75
N ALA S 91 -2.94 11.69 -18.26
CA ALA S 91 -2.75 12.10 -19.65
C ALA S 91 -2.91 10.92 -20.59
N LEU S 92 -2.43 9.76 -20.15
CA LEU S 92 -2.47 8.54 -20.95
C LEU S 92 -3.91 8.07 -21.16
N PHE S 93 -4.78 8.40 -20.21
CA PHE S 93 -6.20 8.05 -20.32
C PHE S 93 -6.87 8.86 -21.42
N SER S 94 -6.55 10.15 -21.48
CA SER S 94 -7.14 11.04 -22.47
C SER S 94 -6.69 10.72 -23.89
N MET S 95 -5.49 10.16 -24.01
CA MET S 95 -4.98 9.77 -25.32
C MET S 95 -5.57 8.44 -25.76
N ALA S 96 -5.94 7.61 -24.79
CA ALA S 96 -6.58 6.34 -25.08
C ALA S 96 -8.08 6.53 -25.27
N PHE S 97 -8.66 7.46 -24.51
CA PHE S 97 -10.08 7.75 -24.60
C PHE S 97 -10.32 9.25 -24.69
N PRO S 98 -10.24 9.80 -25.91
CA PRO S 98 -10.39 11.24 -26.15
C PRO S 98 -11.82 11.73 -26.00
N ASP S 99 -12.76 10.81 -25.80
CA ASP S 99 -14.19 11.13 -25.66
C ASP S 99 -14.72 11.93 -26.85
N LEU V 6 12.38 37.02 -18.79
CA LEU V 6 13.07 37.64 -17.66
C LEU V 6 12.33 38.87 -17.15
N GLN V 7 12.15 38.94 -15.83
CA GLN V 7 11.56 40.11 -15.18
C GLN V 7 12.65 41.13 -14.89
N LEU V 8 12.25 42.30 -14.40
CA LEU V 8 13.21 43.39 -14.16
C LEU V 8 14.19 43.04 -13.04
N TRP V 9 13.68 42.56 -11.91
CA TRP V 9 14.52 42.24 -10.77
C TRP V 9 15.48 41.10 -11.09
N GLN V 10 15.03 40.18 -11.94
CA GLN V 10 15.87 39.06 -12.36
C GLN V 10 17.05 39.55 -13.17
N PHE V 11 16.82 40.54 -14.02
CA PHE V 11 17.86 41.10 -14.87
C PHE V 11 18.83 41.95 -14.05
N LEU V 12 18.31 42.67 -13.07
CA LEU V 12 19.14 43.50 -12.20
C LEU V 12 20.10 42.64 -11.39
N VAL V 13 19.60 41.53 -10.86
CA VAL V 13 20.43 40.60 -10.10
C VAL V 13 21.54 40.02 -10.97
N ALA V 14 21.22 39.75 -12.23
CA ALA V 14 22.19 39.22 -13.19
C ALA V 14 23.36 40.18 -13.38
N LEU V 15 23.07 41.48 -13.40
CA LEU V 15 24.11 42.49 -13.53
C LEU V 15 24.86 42.67 -12.22
N LEU V 16 24.12 42.62 -11.11
CA LEU V 16 24.70 42.82 -9.79
C LEU V 16 25.64 41.69 -9.38
N ASP V 17 25.46 40.53 -9.99
CA ASP V 17 26.25 39.36 -9.63
C ASP V 17 27.56 39.30 -10.41
N ASP V 18 27.62 40.02 -11.53
CA ASP V 18 28.81 40.05 -12.36
C ASP V 18 29.69 41.25 -12.02
N PRO V 19 30.89 40.98 -11.48
CA PRO V 19 31.82 42.01 -11.00
C PRO V 19 32.25 43.02 -12.08
N THR V 20 32.15 42.62 -13.35
CA THR V 20 32.56 43.51 -14.44
C THR V 20 31.49 44.54 -14.76
N ASN V 21 30.43 44.58 -13.96
CA ASN V 21 29.38 45.57 -14.11
C ASN V 21 29.39 46.54 -12.94
N ALA V 22 30.34 46.34 -12.03
CA ALA V 22 30.41 47.10 -10.79
C ALA V 22 30.76 48.57 -11.00
N HIS V 23 31.09 48.93 -12.24
CA HIS V 23 31.43 50.32 -12.54
C HIS V 23 30.20 51.13 -12.93
N PHE V 24 29.06 50.46 -13.07
CA PHE V 24 27.81 51.17 -13.32
C PHE V 24 26.63 50.58 -12.51
N ILE V 25 26.87 49.45 -11.87
CA ILE V 25 25.89 48.87 -10.95
C ILE V 25 26.52 47.82 -10.04
N ALA V 26 26.33 47.97 -8.73
CA ALA V 26 26.93 47.06 -7.77
C ALA V 26 26.20 47.07 -6.45
N TRP V 27 26.38 46.01 -5.66
CA TRP V 27 25.83 45.95 -4.31
C TRP V 27 26.54 46.94 -3.41
N THR V 28 25.80 47.53 -2.48
CA THR V 28 26.40 48.47 -1.53
C THR V 28 27.21 47.71 -0.49
N GLY V 29 26.63 46.63 0.02
CA GLY V 29 27.28 45.83 1.05
C GLY V 29 26.37 45.60 2.24
N ARG V 30 25.47 46.54 2.48
CA ARG V 30 24.53 46.45 3.60
C ARG V 30 23.28 45.69 3.20
N GLY V 31 23.18 44.45 3.66
CA GLY V 31 22.02 43.62 3.38
C GLY V 31 21.82 43.36 1.90
N MET V 32 20.59 43.52 1.43
CA MET V 32 20.26 43.34 0.02
C MET V 32 20.01 44.69 -0.63
N GLU V 33 20.99 45.58 -0.55
CA GLU V 33 20.87 46.95 -1.01
C GLU V 33 21.79 47.22 -2.20
N PHE V 34 21.24 47.79 -3.26
CA PHE V 34 22.01 48.02 -4.48
C PHE V 34 21.92 49.46 -4.98
N LYS V 35 22.95 49.90 -5.69
CA LYS V 35 22.99 51.25 -6.23
C LYS V 35 23.20 51.24 -7.74
N LEU V 36 22.50 52.13 -8.43
CA LEU V 36 22.65 52.26 -9.87
C LEU V 36 23.62 53.40 -10.20
N ILE V 37 24.91 53.08 -10.23
CA ILE V 37 25.96 54.08 -10.42
C ILE V 37 25.77 54.88 -11.70
N GLU V 38 25.53 54.19 -12.80
CA GLU V 38 25.19 54.85 -14.05
C GLU V 38 23.79 54.41 -14.47
N PRO V 39 22.76 55.14 -14.00
CA PRO V 39 21.35 54.79 -14.17
C PRO V 39 20.91 54.68 -15.63
N GLU V 40 21.55 55.44 -16.52
CA GLU V 40 21.20 55.38 -17.93
C GLU V 40 21.88 54.20 -18.62
N GLU V 41 23.03 53.81 -18.09
CA GLU V 41 23.74 52.63 -18.59
C GLU V 41 22.93 51.38 -18.29
N VAL V 42 22.30 51.36 -17.12
CA VAL V 42 21.46 50.25 -16.70
C VAL V 42 20.17 50.23 -17.52
N ALA V 43 19.57 51.40 -17.71
CA ALA V 43 18.32 51.53 -18.45
C ALA V 43 18.50 51.13 -19.91
N ARG V 44 19.69 51.38 -20.44
CA ARG V 44 19.99 51.05 -21.84
C ARG V 44 20.06 49.55 -22.04
N LEU V 45 20.70 48.86 -21.10
CA LEU V 45 20.82 47.40 -21.17
C LEU V 45 19.48 46.72 -21.00
N TRP V 46 18.64 47.27 -20.13
CA TRP V 46 17.29 46.75 -19.92
C TRP V 46 16.42 47.04 -21.14
N GLY V 47 16.77 48.10 -21.87
CA GLY V 47 16.07 48.43 -23.10
C GLY V 47 16.41 47.46 -24.20
N ILE V 48 17.66 47.00 -24.18
CA ILE V 48 18.12 45.98 -25.11
C ILE V 48 17.46 44.64 -24.80
N GLN V 49 17.32 44.36 -23.51
CA GLN V 49 16.77 43.09 -23.05
C GLN V 49 15.34 42.85 -23.54
N LYS V 50 14.45 43.77 -23.21
CA LYS V 50 13.04 43.65 -23.58
C LYS V 50 12.76 44.31 -24.93
N ASN V 51 13.83 44.62 -25.66
CA ASN V 51 13.73 45.26 -26.98
C ASN V 51 12.91 46.55 -26.96
N ARG V 52 13.16 47.38 -25.95
CA ARG V 52 12.53 48.69 -25.86
C ARG V 52 13.60 49.77 -26.04
N PRO V 53 13.82 50.21 -27.29
CA PRO V 53 14.90 51.13 -27.62
C PRO V 53 14.75 52.52 -26.99
N ALA V 54 13.55 52.85 -26.55
CA ALA V 54 13.28 54.17 -25.99
C ALA V 54 13.25 54.14 -24.47
N MET V 55 13.83 53.09 -23.88
CA MET V 55 13.83 52.93 -22.43
C MET V 55 14.86 53.83 -21.76
N ASN V 56 14.38 54.66 -20.83
CA ASN V 56 15.25 55.51 -20.03
C ASN V 56 15.08 55.22 -18.55
N TYR V 57 15.83 55.93 -17.71
CA TYR V 57 15.80 55.69 -16.27
C TYR V 57 14.48 56.14 -15.65
N ASP V 58 13.86 57.17 -16.24
CA ASP V 58 12.60 57.68 -15.73
C ASP V 58 11.47 56.66 -15.92
N LYS V 59 11.62 55.79 -16.92
CA LYS V 59 10.63 54.76 -17.18
C LYS V 59 10.96 53.47 -16.43
N LEU V 60 12.25 53.23 -16.19
CA LEU V 60 12.68 52.04 -15.47
C LEU V 60 12.43 52.19 -13.97
N SER V 61 12.58 53.42 -13.47
CA SER V 61 12.34 53.70 -12.06
C SER V 61 10.88 53.56 -11.71
N ARG V 62 10.01 53.69 -12.72
CA ARG V 62 8.58 53.53 -12.52
C ARG V 62 8.25 52.10 -12.14
N SER V 63 8.88 51.15 -12.82
CA SER V 63 8.68 49.73 -12.53
C SER V 63 9.23 49.37 -11.16
N LEU V 64 10.34 50.01 -10.79
CA LEU V 64 10.91 49.82 -9.47
C LEU V 64 9.95 50.36 -8.41
N ARG V 65 9.22 51.41 -8.77
CA ARG V 65 8.20 51.97 -7.89
C ARG V 65 6.94 51.11 -7.91
N TYR V 66 6.79 50.30 -8.95
CA TYR V 66 5.70 49.33 -9.02
C TYR V 66 5.98 48.18 -8.06
N TYR V 67 7.27 47.92 -7.83
CA TYR V 67 7.68 46.89 -6.89
C TYR V 67 7.37 47.26 -5.44
N TYR V 68 7.06 48.54 -5.22
CA TYR V 68 6.70 49.00 -3.88
C TYR V 68 5.36 48.42 -3.46
N GLU V 69 4.43 48.35 -4.41
CA GLU V 69 3.11 47.79 -4.16
C GLU V 69 3.17 46.28 -4.05
N LYS V 70 4.02 45.66 -4.86
CA LYS V 70 4.25 44.22 -4.79
C LYS V 70 5.04 43.89 -3.52
N GLY V 71 5.67 44.89 -2.94
CA GLY V 71 6.34 44.76 -1.66
C GLY V 71 7.67 44.03 -1.69
N ILE V 72 8.31 43.99 -2.86
CA ILE V 72 9.59 43.30 -2.99
C ILE V 72 10.75 44.27 -3.01
N MET V 73 10.46 45.56 -3.11
CA MET V 73 11.50 46.59 -3.11
C MET V 73 11.10 47.83 -2.31
N GLN V 74 12.10 48.53 -1.79
CA GLN V 74 11.90 49.81 -1.13
C GLN V 74 12.97 50.79 -1.56
N LYS V 75 12.68 52.09 -1.45
CA LYS V 75 13.65 53.11 -1.79
C LYS V 75 14.46 53.51 -0.57
N VAL V 76 15.77 53.38 -0.66
CA VAL V 76 16.65 53.83 0.41
C VAL V 76 16.67 55.35 0.44
N ALA V 77 15.90 55.93 1.36
CA ALA V 77 15.71 57.37 1.43
C ALA V 77 17.02 58.11 1.71
N GLY V 78 17.28 59.15 0.92
CA GLY V 78 18.45 59.97 1.12
C GLY V 78 19.60 59.60 0.21
N GLU V 79 19.68 58.31 -0.14
CA GLU V 79 20.76 57.83 -1.00
C GLU V 79 20.29 57.73 -2.46
N ARG V 80 20.86 58.58 -3.30
CA ARG V 80 20.48 58.65 -4.71
C ARG V 80 20.85 57.38 -5.46
N TYR V 81 19.96 56.95 -6.36
CA TYR V 81 20.15 55.76 -7.18
C TYR V 81 20.27 54.47 -6.37
N VAL V 82 19.87 54.53 -5.10
CA VAL V 82 20.02 53.38 -4.22
C VAL V 82 18.67 52.79 -3.79
N TYR V 83 18.46 51.52 -4.15
CA TYR V 83 17.26 50.79 -3.74
C TYR V 83 17.67 49.57 -2.92
N LYS V 84 16.69 48.79 -2.48
CA LYS V 84 16.96 47.56 -1.77
C LYS V 84 15.78 46.59 -1.84
N PHE V 85 16.08 45.29 -1.73
CA PHE V 85 15.05 44.28 -1.66
C PHE V 85 14.54 44.14 -0.22
N VAL V 86 13.27 43.77 -0.08
CA VAL V 86 12.66 43.66 1.24
C VAL V 86 12.87 42.28 1.83
N CYS V 87 13.32 42.24 3.08
CA CYS V 87 13.52 40.97 3.78
C CYS V 87 12.30 40.62 4.63
N GLU V 88 11.23 40.20 3.97
CA GLU V 88 10.00 39.82 4.66
C GLU V 88 9.32 38.65 3.95
N PRO V 89 8.53 37.87 4.71
CA PRO V 89 7.78 36.76 4.12
C PRO V 89 6.81 37.25 3.04
N ASP V 90 6.21 38.42 3.25
CA ASP V 90 5.28 39.00 2.29
C ASP V 90 6.00 39.30 0.98
N ALA V 91 7.24 39.76 1.09
CA ALA V 91 8.07 40.04 -0.07
C ALA V 91 8.39 38.77 -0.83
N LEU V 92 8.73 37.71 -0.09
CA LEU V 92 9.09 36.44 -0.69
C LEU V 92 7.87 35.77 -1.32
N PHE V 93 6.70 36.09 -0.81
CA PHE V 93 5.46 35.56 -1.34
C PHE V 93 5.17 36.10 -2.74
N SER V 94 5.14 37.43 -2.87
CA SER V 94 4.88 38.07 -4.15
C SER V 94 6.01 37.78 -5.14
N MET V 95 7.19 37.51 -4.58
CA MET V 95 8.35 37.10 -5.37
C MET V 95 8.13 35.77 -6.07
N ALA V 96 7.66 34.78 -5.31
CA ALA V 96 7.41 33.45 -5.85
C ALA V 96 6.20 33.47 -6.79
N PHE V 97 5.17 34.22 -6.40
CA PHE V 97 3.95 34.29 -7.20
C PHE V 97 3.55 35.72 -7.53
N PRO V 98 4.01 36.23 -8.68
CA PRO V 98 3.52 37.52 -9.17
C PRO V 98 2.24 37.33 -9.99
N ASP V 99 1.12 37.78 -9.46
CA ASP V 99 -0.17 37.61 -10.13
C ASP V 99 -0.25 38.44 -11.40
#